data_8D9E
#
_entry.id   8D9E
#
_cell.length_a   1.00
_cell.length_b   1.00
_cell.length_c   1.00
_cell.angle_alpha   90.00
_cell.angle_beta   90.00
_cell.angle_gamma   90.00
#
_symmetry.space_group_name_H-M   'P 1'
#
loop_
_entity.id
_entity.type
_entity.pdbx_description
1 polymer 'RAMP superfamily protein'
2 polymer 'RNA (36-MER)'
3 polymer "RNA (5'-R(P*UP*CP*CP*GP*GP*GP*GP*CP*AP*GP*AP*AP*AP*AP*UP*UP*GP*GP*GP*UP*A)-3')"
4 non-polymer 'ZINC ION'
#
loop_
_entity_poly.entity_id
_entity_poly.type
_entity_poly.pdbx_seq_one_letter_code
_entity_poly.pdbx_strand_id
1 'polypeptide(L)'
;MNITVELTFFEPYRLVEWFDWDARKKSHSAMRGQAFAQWTWKGKGRTAGKSFITGTLVRSAVIKAVEELLSLNNGKWEGV
PCCNGSFQTDESKGKKPSFLRKRHTLQWQANNKNICDKEEACPFCILLGRFDNAGKVHERNKDYDIHFSNFDLDHKQEKN
DLRLVDIASGRILNRVDFDTGKAKDYFRTWEADYETYGTYTGRITLRNEHAKKLLLASLGFVDKLCGALCRIEVIKKEVL
SEDHNDELRKQAEVIVEAFKQNDKLEKIRILADAIRTLRLHGEGVIEKDELPDGKEERDKGHHLWDIKVQGTALRTKLKE
LWQSNKDIGWRKFTEMLGSNLYLIYKKETGIETKEWIIVGRLKAATPFYFGVQQPSDSIPGVINEHTSFNILLDKENRYR
IPRSALRGALRRDLRTAFGSGCNVSLGGQILCNCKVCIEMRRITLKDSVSDFSEPPEIRYRIAKNPGTATVEDGSLFDIE
VGPEGLTFPFVLRYRGHKFPEQLSSVIRYWEENDGKNGMAWLGGLDSTGKGRFALKDIKIFEWDLNQKINEYIKERGMRG
KEKELLEMGESSLPDGLIPYKFFEERECLFPYKENLKPQWSEVQYTIEVGSPLLTADTISALTEPGNRDAIAYKKRVYND
GNNAIEPEPRFAVKSETHRGIFRTAVGRRTGDLGKEDHEDCTCDMCIIFGNEHESSKIRFEDLELINGNEFEKLEKHIDH
VAIDRFTGGALDKAKFDTYPLAGSPKKPLKLKGRFWIKKGFSGDHKLLITTALSDIRDGLYPLGSKGGVGYGWVAGISID
DNVPDDFKEMINKTEAAAAAAAAAAAAAAAAAAAKNKNIYYPHYFLDSGSKVYREKDIITHEEFTEELLSGKINCKLETL
TPLIIPDTSDENGLKLQGNKPGHKNYKFFNINGELMIPGSELRGMLRTHFEALTKSCFAIFGEDSTLSWRRKCASKTLGG
KLDKALHPCTGLSDGLCPGCHLFGTTDYKGRVKFGFAKYENGPEWLITRGNNPERSLTLGVLESPRPAFSIPDDESEIPG
RKFYLHHNGWRIIRQKQLEIRETVQPERNVTTEVMDKGNVFSFDVKFENLREWELGLLLQSLDPGKNIAHKLGKGKPYGF
GSVKIKIDSLHTFKINSNNDKIKRVPQSDIREYINKGYQKLIEWSGNNSIQKGNVLPQWHVIPHIDKLYKLLWVPFLNDS
KLEPDVRYPVLNEESKGYIEGSDYTYKKLGDKDNLPYKTRVKGLTTPWSPWNPFQV
;
B
2 'polyribonucleotide' GACUUAAUGUCACGGUACCCAAUUUUCUGCCCCGGA C
3 'polyribonucleotide' UCCGGGGCAGAAAAUUGGGUA D
#
# COMPACT_ATOMS: atom_id res chain seq x y z
N MET A 1 -17.36 -52.92 -39.26
CA MET A 1 -16.62 -51.70 -39.50
C MET A 1 -16.75 -50.76 -38.33
N ASN A 2 -15.96 -51.01 -37.30
CA ASN A 2 -16.01 -50.24 -36.08
C ASN A 2 -14.68 -49.54 -35.87
N ILE A 3 -14.72 -48.26 -35.53
CA ILE A 3 -13.54 -47.46 -35.30
C ILE A 3 -13.64 -46.85 -33.93
N THR A 4 -12.59 -46.97 -33.15
CA THR A 4 -12.49 -46.26 -31.89
C THR A 4 -11.91 -44.89 -32.15
N VAL A 5 -12.17 -43.96 -31.25
CA VAL A 5 -11.57 -42.65 -31.34
C VAL A 5 -11.22 -42.19 -29.95
N GLU A 6 -10.11 -41.51 -29.81
CA GLU A 6 -9.73 -40.93 -28.54
C GLU A 6 -9.85 -39.43 -28.62
N LEU A 7 -9.22 -38.74 -27.66
CA LEU A 7 -9.22 -37.30 -27.69
C LEU A 7 -8.36 -36.87 -26.52
N THR A 8 -7.85 -35.65 -26.54
CA THR A 8 -7.00 -35.26 -25.42
C THR A 8 -6.92 -33.74 -25.33
N PHE A 9 -7.75 -33.16 -24.49
CA PHE A 9 -7.64 -31.73 -24.30
C PHE A 9 -6.33 -31.40 -23.63
N PHE A 10 -5.67 -30.35 -24.11
CA PHE A 10 -4.44 -29.83 -23.54
C PHE A 10 -4.63 -28.47 -22.91
N GLU A 11 -5.74 -28.24 -22.29
CA GLU A 11 -6.13 -26.90 -21.93
C GLU A 11 -7.48 -27.04 -21.24
N PRO A 12 -7.93 -26.08 -20.45
CA PRO A 12 -9.23 -26.25 -19.79
C PRO A 12 -10.39 -26.06 -20.77
N TYR A 13 -11.22 -27.09 -20.89
CA TYR A 13 -12.36 -27.02 -21.78
C TYR A 13 -13.59 -26.59 -21.01
N ARG A 14 -14.76 -26.66 -21.64
CA ARG A 14 -15.95 -25.98 -21.11
C ARG A 14 -17.21 -26.86 -21.06
N LEU A 15 -17.99 -26.72 -19.98
CA LEU A 15 -19.19 -27.48 -19.78
C LEU A 15 -20.40 -26.58 -19.73
N VAL A 16 -21.58 -27.15 -19.95
CA VAL A 16 -22.84 -26.52 -19.62
C VAL A 16 -23.84 -27.58 -19.20
N GLU A 17 -24.99 -27.14 -18.70
CA GLU A 17 -26.07 -28.04 -18.38
C GLU A 17 -26.87 -28.35 -19.63
N TRP A 18 -27.59 -29.46 -19.58
CA TRP A 18 -28.24 -30.01 -20.76
C TRP A 18 -29.75 -29.76 -20.72
N PHE A 19 -30.22 -28.85 -21.56
CA PHE A 19 -31.64 -28.60 -21.75
C PHE A 19 -32.11 -29.37 -22.97
N ASP A 20 -33.23 -30.07 -22.85
CA ASP A 20 -33.87 -30.62 -24.03
C ASP A 20 -34.03 -29.51 -25.06
N TRP A 21 -33.70 -29.81 -26.31
CA TRP A 21 -33.67 -28.78 -27.34
C TRP A 21 -34.99 -28.01 -27.40
N ASP A 22 -36.11 -28.66 -27.11
CA ASP A 22 -37.36 -27.95 -27.03
C ASP A 22 -37.29 -26.82 -26.01
N ALA A 23 -37.04 -27.16 -24.74
CA ALA A 23 -36.86 -26.12 -23.74
C ALA A 23 -35.63 -25.29 -24.05
N ARG A 24 -34.58 -25.91 -24.58
CA ARG A 24 -33.35 -25.18 -24.87
C ARG A 24 -33.62 -23.98 -25.79
N LYS A 25 -34.54 -24.16 -26.76
CA LYS A 25 -34.87 -23.06 -27.66
C LYS A 25 -35.39 -21.86 -26.87
N LYS A 26 -36.05 -22.12 -25.74
CA LYS A 26 -36.64 -21.02 -24.99
C LYS A 26 -35.57 -20.15 -24.35
N SER A 27 -34.72 -20.74 -23.53
CA SER A 27 -33.74 -19.97 -22.77
C SER A 27 -32.54 -19.65 -23.66
N HIS A 28 -32.36 -18.36 -23.99
CA HIS A 28 -31.17 -17.95 -24.71
C HIS A 28 -29.90 -18.26 -23.92
N SER A 29 -30.04 -18.46 -22.61
CA SER A 29 -28.89 -18.75 -21.77
C SER A 29 -28.15 -20.00 -22.22
N ALA A 30 -28.83 -20.94 -22.86
CA ALA A 30 -28.16 -22.10 -23.39
C ALA A 30 -27.94 -22.05 -24.89
N MET A 31 -28.47 -21.01 -25.56
CA MET A 31 -28.32 -20.96 -27.01
C MET A 31 -26.87 -20.77 -27.45
N ARG A 32 -26.01 -20.31 -26.54
CA ARG A 32 -24.59 -20.39 -26.85
C ARG A 32 -24.12 -21.82 -26.85
N GLY A 33 -24.44 -22.55 -25.79
CA GLY A 33 -23.84 -23.84 -25.53
C GLY A 33 -24.33 -24.95 -26.41
N GLN A 34 -24.35 -24.73 -27.72
CA GLN A 34 -24.54 -25.86 -28.60
C GLN A 34 -23.23 -26.49 -29.01
N ALA A 35 -22.10 -26.01 -28.48
CA ALA A 35 -20.79 -26.48 -28.90
C ALA A 35 -19.96 -27.10 -27.80
N PHE A 36 -20.13 -26.70 -26.56
CA PHE A 36 -19.29 -27.22 -25.49
C PHE A 36 -19.70 -28.65 -25.14
N ALA A 37 -19.13 -29.19 -24.08
CA ALA A 37 -19.51 -30.53 -23.65
C ALA A 37 -20.74 -30.48 -22.74
N GLN A 38 -21.51 -31.57 -22.72
CA GLN A 38 -22.79 -31.59 -22.05
C GLN A 38 -22.67 -32.23 -20.68
N TRP A 39 -23.50 -31.75 -19.75
CA TRP A 39 -23.57 -32.24 -18.38
C TRP A 39 -25.02 -32.51 -18.02
N THR A 40 -25.28 -33.68 -17.44
CA THR A 40 -26.62 -34.10 -17.05
C THR A 40 -26.62 -34.57 -15.61
N TRP A 41 -27.63 -34.16 -14.84
CA TRP A 41 -27.74 -34.59 -13.46
C TRP A 41 -28.32 -35.98 -13.39
N LYS A 42 -28.38 -36.51 -12.19
CA LYS A 42 -28.86 -37.87 -11.99
C LYS A 42 -29.02 -38.10 -10.50
N GLY A 43 -29.96 -38.96 -10.14
CA GLY A 43 -30.27 -39.19 -8.74
C GLY A 43 -31.30 -38.25 -8.16
N LYS A 44 -31.95 -37.44 -9.00
CA LYS A 44 -33.06 -36.58 -8.61
C LYS A 44 -32.69 -35.69 -7.42
N GLY A 45 -31.76 -34.79 -7.68
CA GLY A 45 -31.23 -33.93 -6.64
C GLY A 45 -30.12 -33.10 -7.22
N ARG A 46 -28.96 -33.10 -6.57
CA ARG A 46 -27.80 -32.38 -7.05
C ARG A 46 -26.55 -33.19 -6.79
N THR A 47 -25.52 -32.92 -7.59
CA THR A 47 -24.14 -33.33 -7.46
C THR A 47 -23.83 -34.78 -7.84
N ALA A 48 -24.76 -35.50 -8.48
CA ALA A 48 -24.49 -36.86 -8.95
C ALA A 48 -24.79 -36.91 -10.45
N GLY A 49 -23.78 -36.63 -11.27
CA GLY A 49 -24.02 -36.36 -12.67
C GLY A 49 -23.08 -37.14 -13.59
N LYS A 50 -23.24 -36.86 -14.87
CA LYS A 50 -22.50 -37.55 -15.91
C LYS A 50 -22.30 -36.58 -17.06
N SER A 51 -21.11 -36.62 -17.66
CA SER A 51 -20.73 -35.68 -18.71
C SER A 51 -20.37 -36.40 -19.99
N PHE A 52 -20.73 -35.82 -21.13
CA PHE A 52 -20.33 -36.41 -22.39
C PHE A 52 -20.17 -35.33 -23.44
N ILE A 53 -19.95 -35.77 -24.68
CA ILE A 53 -19.80 -34.89 -25.83
C ILE A 53 -20.66 -35.40 -26.96
N THR A 54 -21.49 -34.53 -27.52
CA THR A 54 -22.50 -34.97 -28.45
C THR A 54 -21.93 -35.21 -29.83
N GLY A 55 -21.98 -36.46 -30.29
CA GLY A 55 -21.29 -36.82 -31.51
C GLY A 55 -21.56 -35.91 -32.68
N THR A 56 -22.75 -35.33 -32.75
CA THR A 56 -23.05 -34.45 -33.88
C THR A 56 -22.06 -33.29 -33.96
N LEU A 57 -21.62 -32.80 -32.81
CA LEU A 57 -20.54 -31.80 -32.81
C LEU A 57 -19.30 -32.31 -33.52
N VAL A 58 -18.86 -33.52 -33.17
CA VAL A 58 -17.67 -34.08 -33.79
C VAL A 58 -17.87 -34.20 -35.29
N ARG A 59 -19.04 -34.65 -35.72
CA ARG A 59 -19.24 -34.80 -37.15
C ARG A 59 -19.14 -33.46 -37.83
N SER A 60 -19.70 -32.43 -37.23
CA SER A 60 -19.58 -31.12 -37.84
C SER A 60 -18.12 -30.72 -37.96
N ALA A 61 -17.33 -30.99 -36.93
CA ALA A 61 -15.95 -30.59 -37.00
C ALA A 61 -15.21 -31.32 -38.11
N VAL A 62 -15.47 -32.62 -38.26
CA VAL A 62 -14.78 -33.35 -39.32
C VAL A 62 -15.22 -32.84 -40.69
N ILE A 63 -16.47 -32.43 -40.83
CA ILE A 63 -16.87 -31.86 -42.11
C ILE A 63 -16.08 -30.60 -42.40
N LYS A 64 -15.95 -29.71 -41.43
CA LYS A 64 -15.14 -28.53 -41.66
C LYS A 64 -13.71 -28.90 -42.05
N ALA A 65 -13.16 -29.92 -41.39
CA ALA A 65 -11.80 -30.31 -41.68
C ALA A 65 -11.65 -30.80 -43.11
N VAL A 66 -12.54 -31.67 -43.57
CA VAL A 66 -12.41 -32.21 -44.92
C VAL A 66 -12.56 -31.11 -45.94
N GLU A 67 -13.49 -30.18 -45.71
CA GLU A 67 -13.61 -29.08 -46.66
C GLU A 67 -12.33 -28.29 -46.76
N GLU A 68 -11.71 -27.96 -45.61
CA GLU A 68 -10.46 -27.21 -45.67
C GLU A 68 -9.38 -27.98 -46.42
N LEU A 69 -9.23 -29.27 -46.09
CA LEU A 69 -8.15 -30.02 -46.70
C LEU A 69 -8.31 -30.06 -48.22
N LEU A 70 -9.51 -30.39 -48.70
CA LEU A 70 -9.65 -30.40 -50.14
C LEU A 70 -9.48 -29.03 -50.76
N SER A 71 -9.67 -27.96 -49.99
CA SER A 71 -9.33 -26.67 -50.56
C SER A 71 -7.83 -26.55 -50.78
N LEU A 72 -7.04 -27.15 -49.89
CA LEU A 72 -5.59 -26.92 -49.94
C LEU A 72 -4.98 -27.41 -51.24
N ASN A 73 -5.29 -28.64 -51.64
CA ASN A 73 -4.72 -29.22 -52.85
C ASN A 73 -5.44 -28.80 -54.11
N ASN A 74 -6.11 -27.65 -54.08
CA ASN A 74 -6.83 -27.08 -55.22
C ASN A 74 -8.05 -27.91 -55.59
N GLY A 75 -8.43 -28.86 -54.74
CA GLY A 75 -9.70 -29.53 -54.95
C GLY A 75 -9.65 -30.94 -55.47
N LYS A 76 -8.87 -31.82 -54.83
CA LYS A 76 -8.81 -33.20 -55.25
C LYS A 76 -8.01 -34.00 -54.24
N TRP A 77 -8.46 -35.23 -53.96
CA TRP A 77 -7.60 -36.25 -53.38
C TRP A 77 -7.12 -37.18 -54.47
N GLU A 78 -5.87 -37.65 -54.31
CA GLU A 78 -5.29 -38.69 -55.14
C GLU A 78 -5.44 -38.38 -56.63
N GLY A 79 -5.54 -37.10 -56.97
CA GLY A 79 -5.68 -36.65 -58.34
C GLY A 79 -7.09 -36.61 -58.86
N VAL A 80 -8.04 -37.26 -58.20
CA VAL A 80 -9.41 -37.36 -58.71
C VAL A 80 -10.22 -36.19 -58.14
N PRO A 81 -11.01 -35.50 -58.96
CA PRO A 81 -11.87 -34.46 -58.42
C PRO A 81 -12.99 -35.07 -57.60
N CYS A 82 -13.29 -34.42 -56.48
CA CYS A 82 -14.42 -34.81 -55.65
C CYS A 82 -15.48 -33.72 -55.72
N CYS A 83 -16.73 -34.14 -55.59
CA CYS A 83 -17.82 -33.24 -55.87
C CYS A 83 -18.00 -32.24 -54.74
N ASN A 84 -18.56 -31.08 -55.08
CA ASN A 84 -18.58 -29.96 -54.16
C ASN A 84 -19.44 -30.24 -52.94
N GLY A 85 -20.70 -30.61 -53.15
CA GLY A 85 -21.66 -30.78 -52.08
C GLY A 85 -23.06 -30.36 -52.51
N SER A 86 -23.95 -30.33 -51.52
CA SER A 86 -25.34 -30.04 -51.79
C SER A 86 -26.02 -29.16 -50.75
N PHE A 87 -25.30 -28.65 -49.76
CA PHE A 87 -25.94 -27.84 -48.75
C PHE A 87 -26.05 -26.39 -49.22
N GLN A 88 -26.37 -25.51 -48.27
CA GLN A 88 -26.60 -24.07 -48.41
C GLN A 88 -27.95 -23.76 -49.05
N THR A 89 -28.70 -24.73 -49.54
CA THR A 89 -30.06 -24.48 -49.98
C THR A 89 -31.07 -25.23 -49.13
N ASP A 90 -31.03 -26.56 -49.16
CA ASP A 90 -31.70 -27.46 -48.21
C ASP A 90 -33.04 -26.93 -47.73
N GLU A 91 -33.94 -26.75 -48.69
CA GLU A 91 -35.30 -26.25 -48.45
C GLU A 91 -36.27 -26.99 -49.37
N SER A 92 -37.54 -26.95 -49.00
CA SER A 92 -38.68 -27.44 -49.79
C SER A 92 -38.68 -28.95 -49.96
N LYS A 93 -37.74 -29.67 -49.36
CA LYS A 93 -37.75 -31.12 -49.43
C LYS A 93 -38.26 -31.75 -48.14
N GLY A 94 -38.37 -30.97 -47.08
CA GLY A 94 -38.76 -31.45 -45.78
C GLY A 94 -38.40 -30.47 -44.69
N LYS A 95 -38.13 -30.95 -43.48
CA LYS A 95 -37.82 -30.04 -42.39
C LYS A 95 -36.35 -29.62 -42.46
N LYS A 96 -36.13 -28.30 -42.35
CA LYS A 96 -34.79 -27.75 -42.44
C LYS A 96 -33.90 -28.34 -41.36
N PRO A 97 -32.66 -28.66 -41.68
CA PRO A 97 -31.77 -29.27 -40.68
C PRO A 97 -31.60 -28.34 -39.49
N SER A 98 -31.46 -28.94 -38.32
CA SER A 98 -31.18 -28.16 -37.14
C SER A 98 -29.81 -27.50 -37.29
N PHE A 99 -29.52 -26.58 -36.36
CA PHE A 99 -28.27 -25.83 -36.36
C PHE A 99 -28.13 -24.99 -37.64
N LEU A 100 -29.06 -24.06 -37.77
CA LEU A 100 -29.00 -23.05 -38.83
C LEU A 100 -28.03 -21.95 -38.43
N ARG A 101 -26.85 -21.94 -39.04
CA ARG A 101 -25.81 -20.97 -38.73
C ARG A 101 -24.95 -20.70 -39.96
N LYS A 102 -24.09 -19.68 -39.84
CA LYS A 102 -23.54 -18.98 -40.99
C LYS A 102 -22.02 -19.06 -41.02
N ARG A 103 -21.48 -19.17 -42.22
CA ARG A 103 -20.05 -19.27 -42.49
C ARG A 103 -19.89 -19.21 -43.99
N HIS A 104 -18.82 -18.57 -44.44
CA HIS A 104 -18.61 -18.36 -45.87
C HIS A 104 -18.21 -19.68 -46.51
N THR A 105 -19.22 -20.51 -46.75
CA THR A 105 -18.99 -21.84 -47.31
C THR A 105 -18.34 -21.73 -48.68
N LEU A 106 -17.10 -22.18 -48.78
CA LEU A 106 -16.31 -22.06 -49.99
C LEU A 106 -16.60 -23.27 -50.87
N GLN A 107 -16.86 -23.02 -52.15
CA GLN A 107 -17.10 -24.06 -53.15
C GLN A 107 -16.12 -23.82 -54.30
N TRP A 108 -14.89 -24.33 -54.14
CA TRP A 108 -13.93 -24.26 -55.22
C TRP A 108 -14.51 -24.95 -56.44
N GLN A 109 -14.25 -24.38 -57.62
CA GLN A 109 -14.81 -24.96 -58.83
C GLN A 109 -13.96 -26.11 -59.33
N ALA A 110 -14.59 -27.27 -59.47
CA ALA A 110 -13.92 -28.46 -59.99
C ALA A 110 -14.51 -28.80 -61.35
N ASN A 111 -13.74 -29.55 -62.13
CA ASN A 111 -14.19 -29.93 -63.45
C ASN A 111 -15.35 -30.92 -63.41
N ASN A 112 -15.49 -31.67 -62.32
CA ASN A 112 -16.50 -32.73 -62.26
C ASN A 112 -17.89 -32.13 -62.12
N LYS A 113 -18.80 -32.56 -63.00
CA LYS A 113 -20.18 -32.11 -62.99
C LYS A 113 -21.08 -32.93 -62.06
N ASN A 114 -20.56 -34.03 -61.54
CA ASN A 114 -21.30 -34.91 -60.63
C ASN A 114 -21.34 -34.29 -59.24
N ILE A 115 -22.29 -34.75 -58.42
CA ILE A 115 -22.39 -34.35 -57.04
C ILE A 115 -22.22 -35.60 -56.20
N CYS A 116 -21.37 -36.51 -56.69
CA CYS A 116 -21.26 -37.87 -56.17
C CYS A 116 -22.58 -38.60 -56.35
N ASP A 117 -22.97 -38.83 -57.61
CA ASP A 117 -24.20 -39.54 -57.92
C ASP A 117 -24.16 -40.95 -57.34
N LYS A 118 -25.30 -41.66 -57.44
CA LYS A 118 -25.47 -42.94 -56.78
C LYS A 118 -24.46 -43.98 -57.28
N GLU A 119 -24.33 -44.12 -58.59
CA GLU A 119 -23.54 -45.23 -59.14
C GLU A 119 -22.08 -45.12 -58.73
N GLU A 120 -21.52 -43.92 -58.78
CA GLU A 120 -20.15 -43.66 -58.36
C GLU A 120 -20.19 -42.42 -57.48
N ALA A 121 -20.08 -42.62 -56.18
CA ALA A 121 -20.08 -41.52 -55.24
C ALA A 121 -18.63 -41.20 -54.92
N CYS A 122 -18.19 -40.00 -55.26
CA CYS A 122 -16.90 -39.56 -54.80
C CYS A 122 -16.94 -39.47 -53.27
N PRO A 123 -15.79 -39.51 -52.61
CA PRO A 123 -15.80 -39.74 -51.16
C PRO A 123 -16.53 -38.67 -50.35
N PHE A 124 -16.47 -37.41 -50.76
CA PHE A 124 -16.97 -36.34 -49.89
C PHE A 124 -18.44 -36.53 -49.58
N CYS A 125 -19.28 -36.71 -50.60
CA CYS A 125 -20.70 -36.84 -50.34
C CYS A 125 -21.04 -38.18 -49.70
N ILE A 126 -20.22 -39.21 -49.92
CA ILE A 126 -20.36 -40.41 -49.11
C ILE A 126 -20.25 -40.06 -47.65
N LEU A 127 -19.32 -39.16 -47.34
CA LEU A 127 -19.08 -38.79 -45.96
C LEU A 127 -20.18 -37.86 -45.44
N LEU A 128 -20.72 -37.02 -46.30
CA LEU A 128 -21.76 -36.11 -45.84
C LEU A 128 -23.05 -36.86 -45.55
N GLY A 129 -23.33 -37.89 -46.32
CA GLY A 129 -24.55 -38.65 -46.14
C GLY A 129 -25.66 -38.24 -47.08
N ARG A 130 -25.36 -38.11 -48.36
CA ARG A 130 -26.35 -37.67 -49.32
C ARG A 130 -27.28 -38.78 -49.76
N PHE A 131 -26.77 -40.01 -49.85
CA PHE A 131 -27.56 -41.17 -50.27
C PHE A 131 -27.61 -42.18 -49.14
N ASP A 132 -28.72 -42.22 -48.43
CA ASP A 132 -28.92 -43.13 -47.30
C ASP A 132 -30.40 -43.27 -47.05
N ASN A 133 -30.75 -44.00 -45.99
CA ASN A 133 -32.09 -44.02 -45.43
C ASN A 133 -31.97 -43.54 -43.98
N ALA A 134 -32.05 -42.22 -43.81
CA ALA A 134 -31.90 -41.62 -42.49
C ALA A 134 -33.07 -40.72 -42.11
N GLY A 135 -33.51 -39.85 -43.01
CA GLY A 135 -34.51 -38.87 -42.67
C GLY A 135 -33.88 -37.66 -42.02
N LYS A 136 -34.42 -36.47 -42.27
CA LYS A 136 -33.78 -35.25 -41.81
C LYS A 136 -33.62 -35.25 -40.29
N VAL A 137 -34.70 -35.48 -39.56
CA VAL A 137 -34.62 -35.46 -38.10
C VAL A 137 -35.17 -36.76 -37.54
N HIS A 138 -35.09 -37.83 -38.33
CA HIS A 138 -35.65 -39.12 -37.95
C HIS A 138 -34.51 -40.04 -37.53
N GLU A 139 -34.74 -40.82 -36.48
CA GLU A 139 -33.71 -41.66 -35.88
C GLU A 139 -34.25 -43.05 -35.55
N ARG A 140 -34.88 -43.70 -36.54
CA ARG A 140 -35.43 -45.03 -36.29
C ARG A 140 -34.33 -46.01 -35.90
N ASN A 141 -33.41 -46.27 -36.82
CA ASN A 141 -32.31 -47.20 -36.59
C ASN A 141 -30.99 -46.51 -36.91
N LYS A 142 -29.90 -47.16 -36.55
CA LYS A 142 -28.56 -46.66 -36.87
C LYS A 142 -28.19 -47.03 -38.31
N ASP A 143 -29.02 -46.57 -39.23
CA ASP A 143 -28.77 -46.71 -40.66
C ASP A 143 -28.20 -45.40 -41.21
N TYR A 144 -26.90 -45.25 -41.05
CA TYR A 144 -26.20 -44.06 -41.51
C TYR A 144 -24.97 -44.47 -42.29
N ASP A 145 -24.60 -43.67 -43.29
CA ASP A 145 -23.33 -43.90 -43.96
C ASP A 145 -22.17 -43.67 -43.00
N ILE A 146 -22.28 -42.67 -42.15
CA ILE A 146 -21.30 -42.42 -41.12
C ILE A 146 -22.05 -41.97 -39.86
N HIS A 147 -22.39 -42.90 -39.00
CA HIS A 147 -23.08 -42.57 -37.76
C HIS A 147 -22.06 -42.19 -36.69
N PHE A 148 -22.32 -41.11 -35.98
CA PHE A 148 -21.40 -40.66 -34.94
C PHE A 148 -22.05 -40.82 -33.57
N SER A 149 -21.72 -41.91 -32.88
CA SER A 149 -22.23 -42.12 -31.56
C SER A 149 -21.69 -41.08 -30.60
N ASN A 150 -22.28 -41.03 -29.42
CA ASN A 150 -21.89 -40.06 -28.42
C ASN A 150 -20.51 -40.40 -27.90
N PHE A 151 -19.87 -39.43 -27.28
CA PHE A 151 -18.58 -39.60 -26.62
C PHE A 151 -18.76 -39.36 -25.14
N ASP A 152 -18.64 -40.41 -24.35
CA ASP A 152 -18.76 -40.30 -22.90
C ASP A 152 -17.40 -40.45 -22.25
N LEU A 153 -17.24 -39.80 -21.11
CA LEU A 153 -15.94 -39.68 -20.48
C LEU A 153 -15.44 -41.04 -20.04
N ASP A 154 -14.14 -41.21 -20.10
CA ASP A 154 -13.49 -42.38 -19.53
C ASP A 154 -12.76 -41.95 -18.28
N HIS A 155 -13.21 -42.49 -17.15
CA HIS A 155 -12.66 -42.12 -15.85
C HIS A 155 -12.51 -43.37 -15.01
N LYS A 156 -11.30 -43.57 -14.48
CA LYS A 156 -10.88 -44.88 -14.02
C LYS A 156 -11.55 -45.25 -12.71
N GLN A 157 -11.64 -44.31 -11.77
CA GLN A 157 -12.18 -44.56 -10.45
C GLN A 157 -13.67 -44.24 -10.36
N GLU A 158 -14.40 -44.45 -11.45
CA GLU A 158 -15.83 -44.18 -11.54
C GLU A 158 -16.69 -45.19 -10.81
N LYS A 159 -16.10 -46.03 -9.95
CA LYS A 159 -16.91 -46.87 -9.08
C LYS A 159 -17.87 -46.01 -8.27
N ASN A 160 -17.37 -44.91 -7.74
CA ASN A 160 -18.20 -43.89 -7.12
C ASN A 160 -18.76 -42.96 -8.18
N ASP A 161 -19.64 -42.07 -7.74
CA ASP A 161 -20.23 -41.09 -8.65
C ASP A 161 -19.38 -39.84 -8.69
N LEU A 162 -19.31 -39.19 -9.85
CA LEU A 162 -18.63 -37.92 -9.88
C LEU A 162 -19.44 -36.87 -9.15
N ARG A 163 -18.77 -35.76 -8.84
CA ARG A 163 -19.43 -34.65 -8.17
C ARG A 163 -19.04 -33.36 -8.85
N LEU A 164 -20.02 -32.59 -9.26
CA LEU A 164 -19.73 -31.45 -10.12
C LEU A 164 -18.79 -30.46 -9.47
N VAL A 165 -18.73 -30.40 -8.15
CA VAL A 165 -17.75 -29.51 -7.57
C VAL A 165 -16.35 -30.05 -7.79
N ASP A 166 -16.24 -31.29 -8.26
CA ASP A 166 -14.92 -31.86 -8.44
C ASP A 166 -14.39 -31.62 -9.84
N ILE A 167 -15.24 -31.63 -10.85
CA ILE A 167 -14.81 -31.69 -12.23
C ILE A 167 -14.92 -30.34 -12.94
N ALA A 168 -15.03 -29.25 -12.20
CA ALA A 168 -15.29 -27.99 -12.87
C ALA A 168 -14.96 -26.85 -11.93
N SER A 169 -15.25 -25.65 -12.37
CA SER A 169 -15.11 -24.47 -11.54
C SER A 169 -15.77 -23.32 -12.28
N GLY A 170 -16.22 -22.33 -11.53
CA GLY A 170 -16.96 -21.22 -12.10
C GLY A 170 -16.04 -20.09 -12.49
N ARG A 171 -16.54 -19.21 -13.35
CA ARG A 171 -15.82 -17.98 -13.63
C ARG A 171 -16.71 -17.03 -14.39
N ILE A 172 -16.36 -15.75 -14.36
CA ILE A 172 -17.09 -14.68 -15.04
C ILE A 172 -16.22 -14.08 -16.11
N LEU A 173 -16.73 -14.02 -17.33
CA LEU A 173 -16.08 -13.34 -18.43
C LEU A 173 -16.82 -12.04 -18.73
N ASN A 174 -16.19 -11.14 -19.46
CA ASN A 174 -16.85 -9.86 -19.74
C ASN A 174 -16.37 -9.32 -21.07
N ARG A 175 -16.57 -8.01 -21.27
CA ARG A 175 -16.25 -7.35 -22.53
C ARG A 175 -15.97 -5.88 -22.25
N VAL A 176 -14.96 -5.32 -22.92
CA VAL A 176 -14.65 -3.92 -22.74
C VAL A 176 -14.92 -3.19 -24.05
N ASP A 177 -14.76 -1.89 -24.02
CA ASP A 177 -14.92 -1.08 -25.21
C ASP A 177 -13.56 -0.71 -25.76
N PHE A 178 -13.53 -0.32 -27.03
CA PHE A 178 -12.27 0.13 -27.59
C PHE A 178 -11.69 1.23 -26.75
N ASP A 179 -12.42 2.32 -26.64
CA ASP A 179 -12.06 3.39 -25.73
C ASP A 179 -12.88 3.26 -24.47
N THR A 180 -12.69 4.21 -23.56
CA THR A 180 -13.45 4.35 -22.33
C THR A 180 -13.22 3.21 -21.36
N GLY A 181 -12.43 2.20 -21.68
CA GLY A 181 -11.97 1.32 -20.63
C GLY A 181 -12.99 0.42 -19.95
N LYS A 182 -14.15 0.96 -19.60
CA LYS A 182 -15.13 0.26 -18.77
C LYS A 182 -15.57 -1.05 -19.40
N ALA A 183 -16.28 -1.86 -18.63
CA ALA A 183 -16.90 -3.07 -19.14
C ALA A 183 -18.35 -2.78 -19.50
N LYS A 184 -18.91 -3.62 -20.37
CA LYS A 184 -20.29 -3.41 -20.78
C LYS A 184 -21.19 -4.59 -20.47
N ASP A 185 -20.74 -5.81 -20.67
CA ASP A 185 -21.56 -6.98 -20.41
C ASP A 185 -20.72 -7.91 -19.56
N TYR A 186 -21.29 -9.06 -19.21
CA TYR A 186 -20.51 -10.07 -18.54
C TYR A 186 -21.39 -11.28 -18.36
N PHE A 187 -20.77 -12.44 -18.42
CA PHE A 187 -21.53 -13.67 -18.24
C PHE A 187 -20.71 -14.68 -17.49
N ARG A 188 -21.28 -15.87 -17.36
CA ARG A 188 -20.82 -16.89 -16.44
C ARG A 188 -20.53 -18.17 -17.20
N THR A 189 -19.45 -18.84 -16.85
CA THR A 189 -19.14 -20.11 -17.50
C THR A 189 -18.50 -21.06 -16.50
N TRP A 190 -18.41 -22.32 -16.92
CA TRP A 190 -17.78 -23.38 -16.14
C TRP A 190 -16.57 -23.92 -16.91
N GLU A 191 -15.39 -23.82 -16.31
CA GLU A 191 -14.17 -24.36 -16.88
C GLU A 191 -13.85 -25.68 -16.24
N ALA A 192 -13.35 -26.61 -17.02
CA ALA A 192 -13.11 -27.97 -16.57
C ALA A 192 -11.66 -28.12 -16.11
N ASP A 193 -11.21 -29.36 -16.00
CA ASP A 193 -9.83 -29.67 -15.63
C ASP A 193 -9.22 -30.58 -16.69
N TYR A 194 -8.08 -30.18 -17.24
CA TYR A 194 -7.41 -30.96 -18.25
C TYR A 194 -6.29 -31.81 -17.68
N GLU A 195 -6.25 -32.00 -16.36
CA GLU A 195 -5.17 -32.78 -15.76
C GLU A 195 -5.59 -34.17 -15.34
N THR A 196 -6.78 -34.32 -14.77
CA THR A 196 -7.23 -35.65 -14.40
C THR A 196 -8.46 -36.11 -15.17
N TYR A 197 -9.14 -35.22 -15.87
CA TYR A 197 -10.26 -35.59 -16.73
C TYR A 197 -9.97 -35.03 -18.11
N GLY A 198 -9.24 -35.79 -18.91
CA GLY A 198 -8.99 -35.28 -20.22
C GLY A 198 -9.56 -36.15 -21.30
N THR A 199 -9.45 -37.45 -21.16
CA THR A 199 -9.74 -38.33 -22.26
C THR A 199 -11.23 -38.33 -22.54
N TYR A 200 -11.61 -38.78 -23.72
CA TYR A 200 -12.99 -39.09 -24.04
C TYR A 200 -12.95 -40.23 -25.04
N THR A 201 -13.95 -41.07 -25.07
CA THR A 201 -13.89 -42.20 -25.97
C THR A 201 -15.23 -42.43 -26.61
N GLY A 202 -15.24 -42.88 -27.85
CA GLY A 202 -16.48 -43.00 -28.56
C GLY A 202 -16.54 -44.13 -29.56
N ARG A 203 -17.25 -43.94 -30.66
CA ARG A 203 -17.43 -45.02 -31.62
C ARG A 203 -17.90 -44.47 -32.94
N ILE A 204 -17.25 -44.88 -34.03
CA ILE A 204 -17.54 -44.36 -35.35
C ILE A 204 -17.64 -45.52 -36.34
N THR A 205 -18.68 -45.50 -37.16
CA THR A 205 -18.96 -46.64 -38.02
C THR A 205 -19.17 -46.21 -39.47
N LEU A 206 -18.73 -47.03 -40.40
CA LEU A 206 -18.75 -46.75 -41.83
C LEU A 206 -19.55 -47.81 -42.55
N ARG A 207 -19.65 -47.65 -43.86
CA ARG A 207 -20.21 -48.72 -44.67
C ARG A 207 -19.35 -49.11 -45.86
N ASN A 208 -18.70 -48.16 -46.54
CA ASN A 208 -17.95 -48.45 -47.73
C ASN A 208 -16.49 -48.05 -47.55
N GLU A 209 -15.62 -48.71 -48.31
CA GLU A 209 -14.20 -48.48 -48.12
C GLU A 209 -13.71 -47.25 -48.86
N HIS A 210 -14.50 -46.74 -49.80
CA HIS A 210 -14.02 -45.70 -50.70
C HIS A 210 -13.62 -44.43 -49.97
N ALA A 211 -14.12 -44.23 -48.76
CA ALA A 211 -13.84 -42.99 -48.06
C ALA A 211 -13.01 -43.16 -46.81
N LYS A 212 -12.86 -44.38 -46.30
CA LYS A 212 -12.10 -44.58 -45.08
C LYS A 212 -10.72 -43.95 -45.19
N LYS A 213 -10.07 -44.12 -46.32
CA LYS A 213 -8.75 -43.53 -46.51
C LYS A 213 -8.82 -42.01 -46.43
N LEU A 214 -9.98 -41.43 -46.68
CA LEU A 214 -10.11 -39.99 -46.52
C LEU A 214 -10.32 -39.62 -45.06
N LEU A 215 -11.19 -40.36 -44.37
CA LEU A 215 -11.56 -39.98 -43.01
C LEU A 215 -10.40 -40.19 -42.06
N LEU A 216 -9.77 -41.37 -42.13
CA LEU A 216 -8.65 -41.67 -41.27
C LEU A 216 -7.57 -40.61 -41.36
N ALA A 217 -7.52 -39.88 -42.47
CA ALA A 217 -6.54 -38.82 -42.61
C ALA A 217 -7.10 -37.50 -42.12
N SER A 218 -8.29 -37.14 -42.55
CA SER A 218 -8.81 -35.84 -42.17
C SER A 218 -9.00 -35.74 -40.68
N LEU A 219 -9.10 -36.87 -39.98
CA LEU A 219 -9.25 -36.80 -38.54
C LEU A 219 -8.19 -35.93 -37.92
N GLY A 220 -6.93 -36.30 -38.09
CA GLY A 220 -5.88 -35.64 -37.34
C GLY A 220 -5.84 -34.15 -37.56
N PHE A 221 -6.43 -33.66 -38.64
CA PHE A 221 -6.35 -32.25 -38.92
C PHE A 221 -7.07 -31.41 -37.88
N VAL A 222 -8.06 -31.96 -37.18
CA VAL A 222 -8.92 -31.13 -36.35
C VAL A 222 -8.13 -30.67 -35.13
N ASP A 223 -8.39 -29.45 -34.69
CA ASP A 223 -7.60 -28.86 -33.63
C ASP A 223 -8.43 -28.26 -32.50
N LYS A 224 -9.44 -27.47 -32.81
CA LYS A 224 -10.26 -26.86 -31.77
C LYS A 224 -11.53 -27.66 -31.63
N LEU A 225 -11.82 -28.09 -30.41
CA LEU A 225 -13.05 -28.81 -30.14
C LEU A 225 -13.45 -28.53 -28.72
N CYS A 226 -14.69 -28.12 -28.52
CA CYS A 226 -15.15 -27.68 -27.22
C CYS A 226 -14.30 -26.56 -26.65
N GLY A 227 -13.48 -25.92 -27.46
CA GLY A 227 -12.77 -24.76 -27.00
C GLY A 227 -11.35 -24.98 -26.52
N ALA A 228 -10.67 -26.03 -26.97
CA ALA A 228 -9.28 -26.22 -26.62
C ALA A 228 -8.61 -27.17 -27.59
N LEU A 229 -7.30 -27.09 -27.67
CA LEU A 229 -6.55 -27.88 -28.63
C LEU A 229 -6.76 -29.35 -28.35
N CYS A 230 -6.58 -30.18 -29.37
CA CYS A 230 -6.75 -31.60 -29.13
C CYS A 230 -5.94 -32.40 -30.13
N ARG A 231 -5.97 -33.72 -29.97
CA ARG A 231 -5.20 -34.59 -30.83
C ARG A 231 -5.95 -35.91 -30.94
N ILE A 232 -6.82 -36.03 -31.93
CA ILE A 232 -7.56 -37.26 -32.08
C ILE A 232 -6.65 -38.36 -32.58
N GLU A 233 -6.60 -39.47 -31.88
CA GLU A 233 -5.72 -40.58 -32.21
C GLU A 233 -6.53 -41.84 -32.29
N VAL A 234 -6.50 -42.52 -33.44
CA VAL A 234 -7.17 -43.80 -33.53
C VAL A 234 -6.57 -44.75 -32.51
N ILE A 235 -7.43 -45.49 -31.82
CA ILE A 235 -7.02 -46.48 -30.83
C ILE A 235 -7.28 -47.85 -31.44
N LYS A 236 -6.21 -48.56 -31.75
CA LYS A 236 -6.37 -49.90 -32.32
C LYS A 236 -6.82 -50.87 -31.24
N LYS A 237 -7.51 -51.93 -31.65
CA LYS A 237 -7.94 -52.97 -30.72
C LYS A 237 -7.45 -54.34 -31.16
N GLU A 238 -9.41 -38.70 4.67
CA GLU A 238 -9.30 -37.26 4.44
C GLU A 238 -10.65 -36.58 4.54
N VAL A 239 -11.68 -37.33 4.96
CA VAL A 239 -13.01 -36.76 5.07
C VAL A 239 -13.09 -35.80 6.25
N LEU A 240 -12.29 -36.05 7.30
CA LEU A 240 -12.24 -35.15 8.44
C LEU A 240 -11.86 -33.74 8.04
N SER A 241 -11.20 -33.59 6.89
CA SER A 241 -10.98 -32.25 6.32
C SER A 241 -12.27 -31.46 6.32
N GLU A 242 -13.32 -32.04 5.75
CA GLU A 242 -14.65 -31.44 5.85
C GLU A 242 -15.00 -31.16 7.29
N ASP A 243 -14.93 -32.18 8.14
CA ASP A 243 -15.14 -31.99 9.56
C ASP A 243 -14.21 -30.92 10.12
N HIS A 244 -13.00 -30.84 9.57
CA HIS A 244 -12.08 -29.79 9.98
C HIS A 244 -12.72 -28.43 9.79
N ASN A 245 -13.25 -28.15 8.60
CA ASN A 245 -13.87 -26.85 8.37
C ASN A 245 -14.99 -26.58 9.37
N ASP A 246 -15.53 -27.63 9.99
CA ASP A 246 -16.49 -27.45 11.05
C ASP A 246 -15.80 -27.41 12.40
N GLU A 247 -14.89 -28.34 12.66
CA GLU A 247 -14.34 -28.48 13.99
C GLU A 247 -13.62 -27.20 14.42
N LEU A 248 -12.75 -26.67 13.55
CA LEU A 248 -12.05 -25.45 13.91
C LEU A 248 -12.99 -24.38 14.39
N ARG A 249 -14.20 -24.35 13.83
CA ARG A 249 -15.21 -23.40 14.28
C ARG A 249 -15.30 -23.35 15.80
N LYS A 250 -15.53 -24.51 16.44
CA LYS A 250 -15.62 -24.53 17.89
C LYS A 250 -14.43 -23.83 18.52
N GLN A 251 -13.23 -24.25 18.15
CA GLN A 251 -12.05 -23.63 18.74
C GLN A 251 -12.01 -22.14 18.44
N ALA A 252 -12.42 -21.75 17.24
CA ALA A 252 -12.54 -20.34 16.93
C ALA A 252 -13.33 -19.63 18.03
N GLU A 253 -14.48 -20.17 18.38
CA GLU A 253 -15.32 -19.54 19.39
C GLU A 253 -14.56 -19.31 20.68
N VAL A 254 -13.76 -20.29 21.11
CA VAL A 254 -13.10 -20.15 22.40
C VAL A 254 -12.17 -18.95 22.39
N ILE A 255 -11.54 -18.67 21.25
CA ILE A 255 -10.61 -17.55 21.27
C ILE A 255 -11.37 -16.23 21.24
N VAL A 256 -12.60 -16.22 20.73
CA VAL A 256 -13.29 -14.95 20.55
C VAL A 256 -13.94 -14.51 21.86
N GLU A 257 -14.90 -15.29 22.34
CA GLU A 257 -15.62 -14.85 23.54
C GLU A 257 -14.66 -14.62 24.70
N ALA A 258 -13.55 -15.35 24.75
CA ALA A 258 -12.59 -15.12 25.82
C ALA A 258 -12.12 -13.67 25.83
N PHE A 259 -11.75 -13.13 24.67
CA PHE A 259 -11.35 -11.74 24.65
C PHE A 259 -12.42 -10.83 25.24
N LYS A 260 -13.70 -11.16 25.06
CA LYS A 260 -14.74 -10.25 25.53
C LYS A 260 -14.78 -10.15 27.06
N GLN A 261 -14.16 -11.09 27.78
CA GLN A 261 -14.09 -10.95 29.22
C GLN A 261 -12.94 -10.06 29.64
N ASN A 262 -12.06 -9.70 28.73
CA ASN A 262 -11.14 -8.60 28.95
C ASN A 262 -11.64 -7.31 28.34
N ASP A 263 -12.87 -7.30 27.83
CA ASP A 263 -13.40 -6.15 27.13
C ASP A 263 -12.45 -5.70 26.04
N LYS A 264 -11.97 -6.64 25.25
CA LYS A 264 -11.10 -6.36 24.11
C LYS A 264 -11.63 -7.12 22.91
N LEU A 265 -12.67 -6.60 22.28
CA LEU A 265 -13.17 -7.14 21.03
C LEU A 265 -12.82 -6.23 19.87
N GLU A 266 -11.81 -5.39 20.03
CA GLU A 266 -11.31 -4.64 18.90
C GLU A 266 -10.13 -5.33 18.24
N LYS A 267 -9.37 -6.11 18.98
CA LYS A 267 -8.17 -6.71 18.42
C LYS A 267 -8.46 -7.87 17.49
N ILE A 268 -9.67 -8.44 17.55
CA ILE A 268 -9.91 -9.68 16.83
C ILE A 268 -9.64 -9.50 15.35
N ARG A 269 -9.93 -8.31 14.81
CA ARG A 269 -9.72 -8.10 13.39
C ARG A 269 -8.22 -8.15 13.04
N ILE A 270 -7.40 -7.44 13.81
CA ILE A 270 -5.96 -7.50 13.59
C ILE A 270 -5.48 -8.93 13.73
N LEU A 271 -6.02 -9.67 14.70
CA LEU A 271 -5.56 -11.04 14.86
C LEU A 271 -5.88 -11.85 13.62
N ALA A 272 -7.03 -11.60 13.00
CA ALA A 272 -7.35 -12.30 11.76
C ALA A 272 -6.34 -11.98 10.68
N ASP A 273 -6.02 -10.70 10.52
CA ASP A 273 -5.10 -10.34 9.44
C ASP A 273 -3.72 -10.96 9.66
N ALA A 274 -3.22 -10.92 10.90
CA ALA A 274 -1.90 -11.47 11.12
C ALA A 274 -1.91 -12.98 11.01
N ILE A 275 -3.02 -13.63 11.41
CA ILE A 275 -3.07 -15.07 11.26
C ILE A 275 -3.21 -15.45 9.81
N ARG A 276 -3.57 -14.51 8.94
CA ARG A 276 -3.49 -14.80 7.52
C ARG A 276 -2.07 -14.60 7.00
N THR A 277 -1.44 -13.48 7.32
CA THR A 277 -0.08 -13.25 6.86
C THR A 277 0.88 -14.33 7.35
N LEU A 278 0.54 -15.03 8.42
CA LEU A 278 1.36 -16.18 8.80
C LEU A 278 1.41 -17.25 7.72
N ARG A 279 0.71 -17.03 6.62
CA ARG A 279 0.70 -18.00 5.54
C ARG A 279 2.04 -18.06 4.83
N LEU A 280 2.74 -16.93 4.76
CA LEU A 280 3.96 -16.85 3.98
C LEU A 280 5.11 -17.56 4.66
N HIS A 281 5.27 -17.36 5.97
CA HIS A 281 6.57 -17.60 6.60
C HIS A 281 6.93 -19.06 6.61
N GLY A 282 6.17 -19.88 7.30
CA GLY A 282 6.46 -21.30 7.34
C GLY A 282 5.95 -21.91 8.62
N GLU A 283 5.98 -23.24 8.65
CA GLU A 283 5.56 -23.93 9.86
C GLU A 283 6.51 -23.64 11.01
N GLY A 284 7.80 -23.49 10.71
CA GLY A 284 8.76 -23.25 11.77
C GLY A 284 8.35 -22.14 12.71
N VAL A 285 7.77 -21.06 12.16
CA VAL A 285 7.41 -19.89 12.96
C VAL A 285 6.54 -20.24 14.15
N ILE A 286 6.04 -21.46 14.22
CA ILE A 286 5.40 -21.87 15.46
C ILE A 286 6.23 -22.86 16.24
N GLU A 287 6.73 -23.91 15.59
CA GLU A 287 7.36 -24.99 16.33
C GLU A 287 8.75 -24.61 16.84
N LYS A 288 9.19 -23.38 16.62
CA LYS A 288 10.41 -22.83 17.21
C LYS A 288 10.13 -21.59 18.05
N ASP A 289 8.87 -21.21 18.20
CA ASP A 289 8.47 -20.06 19.00
C ASP A 289 9.26 -18.82 18.61
N GLU A 290 9.48 -18.64 17.32
CA GLU A 290 10.14 -17.44 16.84
C GLU A 290 9.22 -16.25 16.81
N LEU A 291 8.04 -16.35 17.39
CA LEU A 291 7.13 -15.22 17.40
C LEU A 291 7.74 -14.09 18.22
N PRO A 292 7.28 -12.86 18.01
CA PRO A 292 8.00 -11.71 18.57
C PRO A 292 7.95 -11.66 20.08
N ASP A 293 8.89 -12.35 20.69
CA ASP A 293 9.16 -12.24 22.12
C ASP A 293 8.94 -10.82 22.61
N GLY A 294 8.19 -10.71 23.70
CA GLY A 294 7.80 -9.43 24.23
C GLY A 294 8.98 -8.63 24.73
N LYS A 295 8.67 -7.50 25.37
CA LYS A 295 9.65 -6.53 25.82
C LYS A 295 10.39 -7.06 27.04
N GLU A 296 11.08 -6.16 27.72
CA GLU A 296 11.68 -6.47 29.02
C GLU A 296 10.60 -7.01 29.93
N GLU A 297 11.01 -7.63 31.04
CA GLU A 297 10.17 -8.56 31.78
C GLU A 297 8.73 -8.12 31.85
N ARG A 298 8.48 -7.03 32.57
CA ARG A 298 7.17 -6.38 32.62
C ARG A 298 6.08 -7.32 33.13
N ASP A 299 6.46 -8.54 33.52
CA ASP A 299 5.52 -9.60 33.89
C ASP A 299 4.45 -9.81 32.82
N LYS A 300 4.73 -9.38 31.60
CA LYS A 300 3.80 -9.53 30.49
C LYS A 300 4.61 -9.83 29.24
N GLY A 301 3.94 -9.81 28.10
CA GLY A 301 4.62 -10.10 26.87
C GLY A 301 4.16 -9.20 25.75
N HIS A 302 4.25 -9.68 24.52
CA HIS A 302 3.69 -8.92 23.42
C HIS A 302 2.21 -8.70 23.65
N HIS A 303 1.76 -7.47 23.42
CA HIS A 303 0.42 -7.10 23.84
C HIS A 303 -0.66 -7.88 23.11
N LEU A 304 -0.31 -8.69 22.14
CA LEU A 304 -1.29 -9.49 21.42
C LEU A 304 -1.04 -10.99 21.48
N TRP A 305 0.21 -11.42 21.45
CA TRP A 305 0.49 -12.85 21.48
C TRP A 305 0.55 -13.40 22.89
N ASP A 306 0.15 -12.63 23.90
CA ASP A 306 0.25 -13.11 25.27
C ASP A 306 -1.03 -12.88 26.05
N ILE A 307 -2.15 -12.62 25.38
CA ILE A 307 -3.41 -12.59 26.09
C ILE A 307 -3.68 -13.98 26.65
N LYS A 308 -4.62 -14.06 27.58
CA LYS A 308 -4.94 -15.32 28.24
C LYS A 308 -6.29 -15.83 27.77
N VAL A 309 -6.36 -17.12 27.46
CA VAL A 309 -7.58 -17.77 27.02
C VAL A 309 -7.68 -19.13 27.72
N GLN A 310 -8.74 -19.33 28.48
CA GLN A 310 -8.98 -20.59 29.20
C GLN A 310 -7.85 -20.96 30.16
N GLY A 311 -6.88 -20.08 30.36
CA GLY A 311 -5.83 -20.32 31.31
C GLY A 311 -4.43 -20.43 30.77
N THR A 312 -4.25 -20.45 29.45
CA THR A 312 -2.93 -20.48 28.86
C THR A 312 -2.77 -19.29 27.92
N ALA A 313 -1.54 -18.88 27.69
CA ALA A 313 -1.31 -17.77 26.79
C ALA A 313 -1.65 -18.17 25.36
N LEU A 314 -1.89 -17.17 24.51
CA LEU A 314 -2.32 -17.45 23.15
C LEU A 314 -1.24 -18.15 22.36
N ARG A 315 0.00 -17.69 22.50
CA ARG A 315 1.07 -18.22 21.68
C ARG A 315 1.34 -19.68 21.96
N THR A 316 0.76 -20.26 23.00
CA THR A 316 0.87 -21.70 23.15
C THR A 316 -0.36 -22.43 22.66
N LYS A 317 -1.55 -21.83 22.81
CA LYS A 317 -2.73 -22.46 22.24
C LYS A 317 -2.57 -22.63 20.74
N LEU A 318 -1.94 -21.67 20.08
CA LEU A 318 -1.69 -21.83 18.66
C LEU A 318 -0.89 -23.09 18.39
N LYS A 319 0.22 -23.27 19.11
CA LYS A 319 1.04 -24.44 18.87
C LYS A 319 0.26 -25.70 19.15
N GLU A 320 -0.63 -25.66 20.14
CA GLU A 320 -1.40 -26.84 20.45
C GLU A 320 -2.36 -27.18 19.31
N LEU A 321 -3.04 -26.17 18.78
CA LEU A 321 -3.92 -26.43 17.64
C LEU A 321 -3.13 -26.99 16.46
N TRP A 322 -1.95 -26.43 16.20
CA TRP A 322 -1.17 -26.90 15.07
C TRP A 322 -0.83 -28.37 15.24
N GLN A 323 -0.29 -28.74 16.40
CA GLN A 323 -0.01 -30.15 16.63
C GLN A 323 -1.28 -30.99 16.61
N SER A 324 -2.45 -30.35 16.69
CA SER A 324 -3.67 -31.11 16.51
C SER A 324 -3.89 -31.48 15.04
N ASN A 325 -3.94 -30.47 14.17
CA ASN A 325 -4.29 -30.68 12.76
C ASN A 325 -3.06 -30.39 11.93
N LYS A 326 -2.19 -31.36 11.78
CA LYS A 326 -1.10 -31.23 10.84
C LYS A 326 -1.24 -32.17 9.67
N ASP A 327 -2.47 -32.58 9.32
CA ASP A 327 -2.67 -33.24 8.06
C ASP A 327 -3.16 -32.27 7.00
N ILE A 328 -3.92 -31.26 7.40
CA ILE A 328 -4.42 -30.30 6.43
C ILE A 328 -3.28 -29.58 5.76
N GLY A 329 -2.28 -29.21 6.51
CA GLY A 329 -1.18 -28.54 5.88
C GLY A 329 -1.22 -27.06 6.15
N TRP A 330 -0.03 -26.48 6.29
CA TRP A 330 0.10 -25.11 6.76
C TRP A 330 -0.87 -24.19 6.04
N ARG A 331 -0.93 -24.29 4.72
CA ARG A 331 -1.67 -23.30 3.98
C ARG A 331 -3.16 -23.36 4.30
N LYS A 332 -3.80 -24.47 3.96
CA LYS A 332 -5.24 -24.53 4.13
C LYS A 332 -5.62 -24.36 5.59
N PHE A 333 -4.80 -24.85 6.51
CA PHE A 333 -5.06 -24.62 7.92
C PHE A 333 -5.14 -23.14 8.23
N THR A 334 -4.10 -22.38 7.91
CA THR A 334 -4.15 -20.99 8.33
C THR A 334 -5.21 -20.21 7.57
N GLU A 335 -5.47 -20.54 6.32
CA GLU A 335 -6.52 -19.81 5.62
C GLU A 335 -7.88 -20.07 6.23
N MET A 336 -8.17 -21.34 6.56
CA MET A 336 -9.45 -21.62 7.20
C MET A 336 -9.55 -20.92 8.54
N LEU A 337 -8.47 -20.92 9.31
CA LEU A 337 -8.56 -20.28 10.61
C LEU A 337 -8.84 -18.79 10.47
N GLY A 338 -8.15 -18.14 9.55
CA GLY A 338 -8.41 -16.74 9.32
C GLY A 338 -9.85 -16.47 8.95
N SER A 339 -10.38 -17.22 7.98
CA SER A 339 -11.75 -16.96 7.56
C SER A 339 -12.72 -17.19 8.71
N ASN A 340 -12.49 -18.21 9.52
CA ASN A 340 -13.41 -18.45 10.62
C ASN A 340 -13.41 -17.33 11.63
N LEU A 341 -12.23 -16.87 12.04
CA LEU A 341 -12.21 -15.76 12.98
C LEU A 341 -12.90 -14.55 12.41
N TYR A 342 -12.64 -14.25 11.15
CA TYR A 342 -13.26 -13.06 10.57
C TYR A 342 -14.77 -13.20 10.59
N LEU A 343 -15.28 -14.38 10.26
CA LEU A 343 -16.72 -14.55 10.23
C LEU A 343 -17.32 -14.35 11.60
N ILE A 344 -16.72 -14.93 12.63
CA ILE A 344 -17.30 -14.83 13.96
C ILE A 344 -17.30 -13.39 14.43
N TYR A 345 -16.23 -12.65 14.15
CA TYR A 345 -16.22 -11.25 14.54
C TYR A 345 -17.33 -10.49 13.85
N LYS A 346 -17.56 -10.77 12.56
CA LYS A 346 -18.62 -10.04 11.87
C LYS A 346 -19.99 -10.38 12.45
N LYS A 347 -20.18 -11.62 12.89
CA LYS A 347 -21.46 -11.96 13.49
C LYS A 347 -21.65 -11.26 14.83
N GLU A 348 -20.57 -11.10 15.59
CA GLU A 348 -20.70 -10.48 16.91
C GLU A 348 -20.98 -9.00 16.79
N THR A 349 -20.22 -8.29 15.96
CA THR A 349 -20.51 -6.86 15.82
C THR A 349 -21.80 -6.64 15.02
N GLY A 350 -21.95 -7.30 13.89
CA GLY A 350 -23.17 -7.19 13.11
C GLY A 350 -23.00 -6.56 11.74
N ILE A 351 -1.83 -19.80 -55.49
CA ILE A 351 -1.81 -19.37 -54.10
C ILE A 351 -1.51 -20.56 -53.19
N GLU A 352 -0.80 -20.31 -52.09
CA GLU A 352 -0.46 -21.35 -51.15
C GLU A 352 -0.60 -20.82 -49.73
N THR A 353 -1.12 -21.66 -48.85
CA THR A 353 -1.36 -21.28 -47.47
C THR A 353 -0.27 -21.87 -46.61
N LYS A 354 0.29 -21.08 -45.73
CA LYS A 354 1.37 -21.55 -44.88
C LYS A 354 1.04 -21.24 -43.43
N GLU A 355 1.54 -22.08 -42.53
CA GLU A 355 1.23 -21.97 -41.12
C GLU A 355 2.49 -21.64 -40.33
N TRP A 356 2.46 -20.52 -39.64
CA TRP A 356 3.59 -20.04 -38.87
C TRP A 356 3.35 -20.30 -37.40
N ILE A 357 4.44 -20.61 -36.66
CA ILE A 357 4.41 -20.77 -35.22
C ILE A 357 5.35 -19.76 -34.60
N ILE A 358 4.94 -19.17 -33.49
CA ILE A 358 5.85 -18.46 -32.62
C ILE A 358 5.89 -19.17 -31.28
N VAL A 359 7.08 -19.25 -30.69
CA VAL A 359 7.29 -19.70 -29.34
C VAL A 359 7.92 -18.56 -28.56
N GLY A 360 8.15 -18.79 -27.27
CA GLY A 360 8.80 -17.76 -26.50
C GLY A 360 8.36 -17.68 -25.06
N ARG A 361 8.99 -16.81 -24.29
CA ARG A 361 8.81 -16.80 -22.85
C ARG A 361 8.37 -15.43 -22.39
N LEU A 362 7.17 -15.33 -21.82
CA LEU A 362 6.68 -14.08 -21.27
C LEU A 362 7.21 -13.86 -19.87
N LYS A 363 7.72 -12.67 -19.61
CA LYS A 363 8.28 -12.33 -18.31
C LYS A 363 7.62 -11.06 -17.82
N ALA A 364 7.32 -11.01 -16.54
CA ALA A 364 6.52 -9.93 -15.97
C ALA A 364 7.42 -8.99 -15.20
N ALA A 365 7.61 -7.79 -15.72
CA ALA A 365 8.50 -6.83 -15.11
C ALA A 365 7.87 -6.01 -14.01
N THR A 366 6.69 -6.38 -13.54
CA THR A 366 6.02 -5.66 -12.46
C THR A 366 4.97 -6.57 -11.86
N PRO A 367 4.63 -6.40 -10.58
CA PRO A 367 3.59 -7.24 -10.00
C PRO A 367 2.31 -7.19 -10.80
N PHE A 368 1.56 -8.29 -10.79
CA PHE A 368 0.42 -8.42 -11.69
C PHE A 368 -0.79 -8.98 -10.98
N TYR A 369 -1.95 -8.94 -11.64
CA TYR A 369 -3.20 -9.29 -10.98
C TYR A 369 -4.30 -9.60 -11.98
N PHE A 370 -5.02 -10.72 -11.78
CA PHE A 370 -6.25 -11.04 -12.50
C PHE A 370 -7.30 -11.47 -11.50
N GLY A 371 -8.47 -10.83 -11.53
CA GLY A 371 -9.48 -11.08 -10.53
C GLY A 371 -10.40 -12.24 -10.87
N VAL A 372 -11.03 -12.81 -9.85
CA VAL A 372 -12.06 -13.80 -10.07
C VAL A 372 -13.36 -13.28 -9.48
N GLN A 373 -14.43 -14.06 -9.56
CA GLN A 373 -15.74 -13.57 -9.17
C GLN A 373 -15.73 -13.11 -7.73
N GLN A 374 -15.55 -14.04 -6.81
CA GLN A 374 -15.29 -13.94 -5.38
C GLN A 374 -15.18 -15.38 -4.89
N PRO A 375 -14.75 -15.63 -3.68
CA PRO A 375 -14.79 -17.00 -3.18
C PRO A 375 -16.21 -17.49 -3.01
N SER A 376 -16.38 -18.77 -2.69
CA SER A 376 -17.69 -19.35 -2.41
C SER A 376 -18.63 -19.24 -3.60
N ASP A 377 -18.18 -19.64 -4.78
CA ASP A 377 -19.04 -19.70 -5.97
C ASP A 377 -19.35 -21.15 -6.27
N SER A 378 -20.46 -21.63 -5.74
CA SER A 378 -20.89 -22.97 -6.05
C SER A 378 -21.14 -23.09 -7.56
N ILE A 379 -20.85 -24.26 -8.10
CA ILE A 379 -20.92 -24.43 -9.55
C ILE A 379 -22.35 -24.39 -10.05
N PRO A 380 -23.33 -25.09 -9.45
CA PRO A 380 -24.72 -24.65 -9.55
C PRO A 380 -25.03 -23.76 -8.36
N GLY A 381 -26.28 -23.35 -8.20
CA GLY A 381 -26.64 -22.49 -7.09
C GLY A 381 -26.31 -23.07 -5.74
N VAL A 382 -23.46 -12.78 0.88
CA VAL A 382 -22.85 -11.87 1.83
C VAL A 382 -22.09 -12.67 2.89
N ILE A 383 -21.23 -13.56 2.41
CA ILE A 383 -20.43 -14.42 3.29
C ILE A 383 -18.97 -14.05 3.08
N ASN A 384 -18.73 -12.98 2.33
CA ASN A 384 -17.44 -12.68 1.70
C ASN A 384 -16.27 -12.91 2.65
N GLU A 385 -15.25 -13.59 2.15
CA GLU A 385 -14.07 -13.80 2.97
C GLU A 385 -13.39 -12.47 3.23
N HIS A 386 -12.39 -12.50 4.09
CA HIS A 386 -11.77 -11.23 4.44
C HIS A 386 -10.63 -10.89 3.50
N THR A 387 -10.91 -10.93 2.20
CA THR A 387 -9.99 -10.44 1.17
C THR A 387 -10.87 -9.92 0.05
N SER A 388 -10.89 -8.61 -0.16
CA SER A 388 -11.89 -8.07 -1.06
C SER A 388 -11.60 -8.41 -2.51
N PHE A 389 -10.35 -8.69 -2.85
CA PHE A 389 -10.01 -9.13 -4.19
C PHE A 389 -9.06 -10.32 -4.11
N ASN A 390 -9.27 -11.31 -4.96
CA ASN A 390 -8.40 -12.48 -4.99
C ASN A 390 -7.85 -12.70 -6.38
N ILE A 391 -6.62 -13.16 -6.46
CA ILE A 391 -5.96 -13.42 -7.73
C ILE A 391 -6.58 -14.67 -8.32
N LEU A 392 -6.28 -14.96 -9.57
CA LEU A 392 -6.74 -16.19 -10.20
C LEU A 392 -5.72 -17.29 -10.00
N LEU A 393 -6.17 -18.46 -9.55
CA LEU A 393 -5.24 -19.53 -9.28
C LEU A 393 -5.76 -20.83 -9.86
N ASP A 394 -4.84 -21.69 -10.23
CA ASP A 394 -5.15 -23.02 -10.71
C ASP A 394 -5.52 -23.92 -9.55
N LYS A 395 -5.52 -25.23 -9.76
CA LYS A 395 -5.84 -26.15 -8.68
C LYS A 395 -4.72 -26.22 -7.65
N GLU A 396 -3.48 -26.41 -8.09
CA GLU A 396 -2.37 -26.51 -7.15
C GLU A 396 -1.81 -25.15 -6.79
N ASN A 397 -2.55 -24.08 -7.05
CA ASN A 397 -2.10 -22.73 -6.72
C ASN A 397 -0.87 -22.35 -7.51
N ARG A 398 -0.98 -22.40 -8.83
CA ARG A 398 0.04 -21.85 -9.72
C ARG A 398 -0.58 -20.75 -10.54
N TYR A 399 0.12 -19.63 -10.69
CA TYR A 399 -0.48 -18.46 -11.30
C TYR A 399 -0.86 -18.74 -12.75
N ARG A 400 -1.85 -18.02 -13.27
CA ARG A 400 -2.39 -18.28 -14.59
C ARG A 400 -2.56 -17.00 -15.40
N ILE A 401 -2.54 -17.16 -16.71
CA ILE A 401 -2.97 -16.13 -17.65
C ILE A 401 -3.99 -16.77 -18.55
N PRO A 402 -5.27 -16.58 -18.33
CA PRO A 402 -6.26 -17.32 -19.08
C PRO A 402 -6.24 -16.91 -20.53
N ARG A 403 -6.59 -17.85 -21.40
CA ARG A 403 -6.53 -17.57 -22.83
C ARG A 403 -7.35 -16.35 -23.19
N SER A 404 -8.41 -16.07 -22.45
CA SER A 404 -9.21 -14.90 -22.76
C SER A 404 -8.38 -13.63 -22.65
N ALA A 405 -7.58 -13.49 -21.62
CA ALA A 405 -6.81 -12.26 -21.46
C ALA A 405 -5.88 -12.06 -22.62
N LEU A 406 -5.25 -13.13 -23.09
CA LEU A 406 -4.39 -12.97 -24.25
C LEU A 406 -5.18 -12.55 -25.48
N ARG A 407 -6.29 -13.23 -25.76
CA ARG A 407 -7.00 -12.84 -26.97
C ARG A 407 -7.43 -11.40 -26.89
N GLY A 408 -7.88 -10.98 -25.73
CA GLY A 408 -8.28 -9.59 -25.57
C GLY A 408 -7.14 -8.63 -25.77
N ALA A 409 -6.03 -8.83 -25.07
CA ALA A 409 -4.95 -7.86 -25.17
C ALA A 409 -4.41 -7.82 -26.58
N LEU A 410 -4.18 -8.98 -27.18
CA LEU A 410 -3.71 -9.01 -28.54
C LEU A 410 -4.65 -8.24 -29.44
N ARG A 411 -5.96 -8.45 -29.29
CA ARG A 411 -6.88 -7.77 -30.18
C ARG A 411 -6.82 -6.28 -29.98
N ARG A 412 -6.70 -5.82 -28.74
CA ARG A 412 -6.69 -4.38 -28.54
C ARG A 412 -5.47 -3.77 -29.19
N ASP A 413 -4.32 -4.39 -29.00
CA ASP A 413 -3.12 -3.83 -29.61
C ASP A 413 -3.22 -3.86 -31.12
N LEU A 414 -3.74 -4.95 -31.69
CA LEU A 414 -3.93 -4.96 -33.14
C LEU A 414 -4.80 -3.82 -33.57
N ARG A 415 -5.98 -3.69 -32.94
CA ARG A 415 -6.91 -2.63 -33.30
C ARG A 415 -6.22 -1.30 -33.31
N THR A 416 -5.30 -1.08 -32.39
CA THR A 416 -4.48 0.12 -32.53
C THR A 416 -3.68 0.09 -33.80
N ALA A 417 -3.01 -1.02 -34.07
CA ALA A 417 -2.00 -1.03 -35.12
C ALA A 417 -2.59 -0.72 -36.49
N PHE A 418 -3.74 -1.31 -36.80
CA PHE A 418 -4.34 -1.05 -38.10
C PHE A 418 -4.83 0.39 -38.19
N GLY A 419 -5.68 0.80 -37.26
CA GLY A 419 -6.19 2.15 -37.23
C GLY A 419 -7.65 2.29 -36.83
N SER A 420 -8.49 1.39 -37.28
CA SER A 420 -9.92 1.48 -37.05
C SER A 420 -10.31 0.64 -35.83
N GLY A 421 -11.47 0.93 -35.26
CA GLY A 421 -11.96 0.12 -34.17
C GLY A 421 -13.34 -0.49 -34.35
N CYS A 422 -13.39 -1.76 -34.74
CA CYS A 422 -14.66 -2.45 -34.92
C CYS A 422 -15.07 -2.93 -33.55
N ASN A 423 -16.20 -2.43 -33.05
CA ASN A 423 -16.69 -2.88 -31.76
C ASN A 423 -17.59 -4.10 -31.96
N VAL A 424 -17.13 -5.27 -31.48
CA VAL A 424 -17.74 -6.53 -31.90
C VAL A 424 -19.20 -6.59 -31.47
N SER A 425 -20.04 -7.09 -32.36
CA SER A 425 -21.48 -7.05 -32.19
C SER A 425 -22.01 -8.46 -31.99
N LEU A 426 -22.67 -8.70 -30.87
CA LEU A 426 -23.21 -10.01 -30.57
C LEU A 426 -24.47 -10.27 -31.35
N GLY A 427 -24.94 -11.51 -31.30
CA GLY A 427 -26.17 -11.89 -31.96
C GLY A 427 -26.22 -11.53 -33.43
N GLY A 428 -25.12 -11.05 -34.00
CA GLY A 428 -25.14 -10.59 -35.36
C GLY A 428 -25.37 -11.72 -36.34
N GLN A 429 -25.72 -11.35 -37.56
CA GLN A 429 -25.88 -12.31 -38.63
C GLN A 429 -25.00 -12.00 -39.82
N ILE A 430 -24.27 -10.88 -39.79
CA ILE A 430 -23.22 -10.59 -40.74
C ILE A 430 -21.90 -10.58 -39.99
N LEU A 431 -20.81 -10.33 -40.72
CA LEU A 431 -19.48 -10.36 -40.16
C LEU A 431 -18.80 -9.03 -40.41
N CYS A 432 -18.19 -8.46 -39.37
CA CYS A 432 -17.54 -7.15 -39.50
C CYS A 432 -16.32 -7.29 -40.39
N ASN A 433 -16.45 -6.96 -41.66
CA ASN A 433 -15.38 -7.16 -42.61
C ASN A 433 -14.32 -6.08 -42.55
N CYS A 434 -14.25 -5.34 -41.45
CA CYS A 434 -13.05 -4.62 -41.13
C CYS A 434 -11.89 -5.61 -41.13
N LYS A 435 -10.70 -5.14 -41.49
CA LYS A 435 -9.60 -6.08 -41.59
C LYS A 435 -9.28 -6.72 -40.25
N VAL A 436 -9.56 -6.02 -39.15
CA VAL A 436 -9.20 -6.56 -37.84
C VAL A 436 -9.89 -7.89 -37.61
N CYS A 437 -11.17 -7.97 -37.94
CA CYS A 437 -11.87 -9.22 -37.74
C CYS A 437 -11.38 -10.28 -38.72
N ILE A 438 -10.92 -9.88 -39.90
CA ILE A 438 -10.36 -10.89 -40.80
C ILE A 438 -9.13 -11.53 -40.19
N GLU A 439 -8.23 -10.71 -39.67
CA GLU A 439 -7.10 -11.30 -38.96
C GLU A 439 -7.60 -12.16 -37.83
N MET A 440 -8.32 -11.57 -36.89
CA MET A 440 -8.50 -12.17 -35.59
C MET A 440 -9.34 -13.44 -35.63
N ARG A 441 -9.57 -14.03 -36.79
CA ARG A 441 -10.09 -15.38 -36.83
C ARG A 441 -9.12 -16.33 -37.49
N ARG A 442 -7.90 -15.91 -37.73
CA ARG A 442 -6.88 -16.81 -38.20
C ARG A 442 -5.88 -17.18 -37.12
N ILE A 443 -6.00 -16.61 -35.93
CA ILE A 443 -5.01 -16.80 -34.88
C ILE A 443 -5.46 -17.87 -33.90
N THR A 444 -4.53 -18.34 -33.07
CA THR A 444 -4.77 -19.44 -32.16
C THR A 444 -3.75 -19.42 -31.04
N LEU A 445 -4.19 -19.24 -29.81
CA LEU A 445 -3.26 -19.04 -28.70
C LEU A 445 -3.34 -20.22 -27.74
N LYS A 446 -2.67 -20.09 -26.60
CA LYS A 446 -2.64 -21.18 -25.62
C LYS A 446 -2.42 -20.61 -24.23
N ASP A 447 -2.89 -21.33 -23.21
CA ASP A 447 -2.87 -20.88 -21.83
C ASP A 447 -1.45 -20.75 -21.29
N SER A 448 -1.36 -20.64 -19.98
CA SER A 448 -0.06 -20.48 -19.36
C SER A 448 -0.16 -20.74 -17.86
N VAL A 449 0.83 -21.45 -17.34
CA VAL A 449 0.92 -21.73 -15.92
C VAL A 449 2.39 -21.88 -15.57
N SER A 450 2.81 -21.26 -14.49
CA SER A 450 4.23 -21.24 -14.20
C SER A 450 4.60 -22.34 -13.22
N ASP A 451 5.89 -22.54 -12.99
CA ASP A 451 6.32 -23.54 -12.02
C ASP A 451 6.23 -23.05 -10.59
N PHE A 452 6.21 -21.76 -10.37
CA PHE A 452 6.07 -21.22 -9.03
C PHE A 452 4.77 -21.70 -8.41
N SER A 453 4.80 -21.97 -7.10
CA SER A 453 3.61 -22.39 -6.40
C SER A 453 3.59 -21.82 -4.99
N GLU A 454 3.93 -20.58 -4.86
CA GLU A 454 3.97 -19.95 -3.55
C GLU A 454 2.88 -18.90 -3.42
N PRO A 455 2.41 -18.62 -2.21
CA PRO A 455 1.22 -17.82 -2.05
C PRO A 455 1.52 -16.36 -2.30
N PRO A 456 0.51 -15.56 -2.58
CA PRO A 456 0.71 -14.19 -3.05
C PRO A 456 1.07 -13.27 -1.91
N GLU A 457 1.10 -11.99 -2.21
CA GLU A 457 1.33 -10.97 -1.21
C GLU A 457 0.14 -10.03 -1.15
N ILE A 458 0.03 -9.28 -0.06
CA ILE A 458 -1.15 -8.48 0.22
C ILE A 458 -0.81 -7.00 0.17
N ARG A 459 -1.78 -6.18 -0.21
CA ARG A 459 -1.59 -4.75 -0.18
C ARG A 459 -2.87 -4.07 0.25
N TYR A 460 -2.76 -2.90 0.86
CA TYR A 460 -3.94 -2.17 1.33
C TYR A 460 -4.05 -0.84 0.60
N ARG A 461 -5.28 -0.35 0.47
CA ARG A 461 -5.53 0.93 -0.21
C ARG A 461 -6.64 1.64 0.54
N ILE A 462 -6.32 2.74 1.23
CA ILE A 462 -7.32 3.57 1.88
C ILE A 462 -7.78 4.67 0.93
N ALA A 463 -8.80 5.41 1.33
CA ALA A 463 -9.14 6.68 0.69
C ALA A 463 -8.56 7.80 1.54
N LYS A 464 -8.89 9.05 1.19
CA LYS A 464 -8.55 10.16 2.08
C LYS A 464 -9.51 11.32 1.86
N ASN A 465 -10.22 11.67 2.92
CA ASN A 465 -11.21 12.75 2.84
C ASN A 465 -10.54 14.08 2.58
N PRO A 466 -10.62 14.62 1.38
CA PRO A 466 -9.83 15.81 1.05
C PRO A 466 -10.32 17.04 1.71
N GLY A 467 -11.27 16.94 2.64
CA GLY A 467 -11.65 18.10 3.41
C GLY A 467 -10.78 18.29 4.63
N THR A 468 -10.43 17.20 5.30
CA THR A 468 -9.71 17.29 6.56
C THR A 468 -8.56 16.29 6.62
N ALA A 469 -8.07 15.82 5.49
CA ALA A 469 -6.87 14.99 5.41
C ALA A 469 -6.89 13.90 6.46
N THR A 470 -7.84 12.98 6.32
CA THR A 470 -7.99 11.95 7.32
C THR A 470 -8.61 10.74 6.65
N VAL A 471 -8.47 9.59 7.28
CA VAL A 471 -9.01 8.39 6.67
C VAL A 471 -10.51 8.52 6.62
N GLU A 472 -11.06 8.81 5.45
CA GLU A 472 -12.49 8.91 5.29
C GLU A 472 -13.13 7.56 5.58
N ASP A 473 -14.02 7.52 6.56
CA ASP A 473 -14.49 6.25 7.07
C ASP A 473 -15.12 5.41 5.98
N GLY A 474 -15.16 4.10 6.19
CA GLY A 474 -15.74 3.22 5.22
C GLY A 474 -14.92 3.02 3.97
N SER A 475 -13.62 3.17 4.05
CA SER A 475 -12.77 2.95 2.88
C SER A 475 -11.45 2.36 3.34
N LEU A 476 -11.37 1.04 3.38
CA LEU A 476 -10.10 0.37 3.61
C LEU A 476 -10.22 -1.04 3.08
N PHE A 477 -9.60 -1.31 1.95
CA PHE A 477 -9.69 -2.63 1.34
C PHE A 477 -8.31 -3.07 0.90
N ASP A 478 -8.21 -4.31 0.42
CA ASP A 478 -6.91 -4.95 0.29
C ASP A 478 -6.88 -5.93 -0.85
N ILE A 479 -5.92 -5.76 -1.75
CA ILE A 479 -5.79 -6.55 -2.95
C ILE A 479 -4.67 -7.55 -2.75
N GLU A 480 -4.55 -8.46 -3.70
CA GLU A 480 -3.50 -9.47 -3.71
C GLU A 480 -2.69 -9.38 -4.99
N VAL A 481 -1.37 -9.55 -4.89
CA VAL A 481 -0.52 -9.46 -6.08
C VAL A 481 0.50 -10.57 -6.06
N GLY A 482 1.19 -10.72 -7.19
CA GLY A 482 2.12 -11.80 -7.34
C GLY A 482 3.57 -11.36 -7.36
N PRO A 483 4.49 -12.29 -7.47
CA PRO A 483 5.89 -11.94 -7.53
C PRO A 483 6.19 -11.18 -8.81
N GLU A 484 7.32 -10.50 -8.80
CA GLU A 484 7.71 -9.61 -9.88
C GLU A 484 8.87 -10.23 -10.63
N GLY A 485 8.55 -10.95 -11.68
CA GLY A 485 9.60 -11.60 -12.42
C GLY A 485 9.26 -13.02 -12.78
N LEU A 486 8.04 -13.44 -12.51
CA LEU A 486 7.66 -14.79 -12.87
C LEU A 486 7.77 -14.97 -14.38
N THR A 487 7.81 -16.21 -14.84
CA THR A 487 7.93 -16.46 -16.27
C THR A 487 6.97 -17.52 -16.73
N PHE A 488 6.24 -17.24 -17.79
CA PHE A 488 5.28 -18.19 -18.34
C PHE A 488 5.65 -18.52 -19.77
N PRO A 489 5.18 -19.63 -20.31
CA PRO A 489 5.43 -19.94 -21.71
C PRO A 489 4.37 -19.30 -22.62
N PHE A 490 4.68 -19.25 -23.91
CA PHE A 490 3.84 -18.54 -24.86
C PHE A 490 3.88 -19.24 -26.21
N VAL A 491 2.74 -19.26 -26.90
CA VAL A 491 2.61 -19.95 -28.18
C VAL A 491 1.65 -19.17 -29.05
N LEU A 492 1.95 -19.04 -30.32
CA LEU A 492 1.03 -18.34 -31.21
C LEU A 492 1.09 -18.97 -32.58
N ARG A 493 -0.02 -18.98 -33.30
CA ARG A 493 -0.06 -19.64 -34.59
C ARG A 493 -0.62 -18.69 -35.62
N TYR A 494 -0.59 -19.12 -36.87
CA TYR A 494 -1.17 -18.32 -37.94
C TYR A 494 -1.30 -19.19 -39.17
N ARG A 495 -2.37 -19.01 -39.93
CA ARG A 495 -2.59 -19.81 -41.12
C ARG A 495 -3.04 -18.89 -42.25
N GLY A 496 -2.12 -18.51 -43.13
CA GLY A 496 -2.48 -17.50 -44.09
C GLY A 496 -1.71 -17.54 -45.38
N HIS A 497 -1.56 -16.38 -45.99
CA HIS A 497 -0.82 -16.23 -47.23
C HIS A 497 0.43 -15.39 -47.10
N LYS A 498 0.48 -14.52 -46.10
CA LYS A 498 1.64 -13.67 -45.89
C LYS A 498 1.58 -13.15 -44.47
N PHE A 499 2.68 -13.25 -43.77
CA PHE A 499 2.72 -12.76 -42.41
C PHE A 499 2.49 -11.26 -42.41
N PRO A 500 1.37 -10.78 -41.91
CA PRO A 500 1.03 -9.36 -42.10
C PRO A 500 1.92 -8.49 -41.26
N GLU A 501 2.39 -7.39 -41.86
CA GLU A 501 3.32 -6.54 -41.14
C GLU A 501 2.69 -5.81 -39.97
N GLN A 502 1.37 -5.76 -39.88
CA GLN A 502 0.80 -5.25 -38.65
C GLN A 502 1.02 -6.23 -37.50
N LEU A 503 0.78 -7.52 -37.73
CA LEU A 503 1.04 -8.48 -36.66
C LEU A 503 2.49 -8.47 -36.28
N SER A 504 3.38 -8.52 -37.26
CA SER A 504 4.80 -8.43 -36.95
C SER A 504 5.10 -7.16 -36.21
N SER A 505 4.39 -6.09 -36.53
CA SER A 505 4.62 -4.85 -35.81
C SER A 505 4.32 -5.03 -34.34
N VAL A 506 3.18 -5.64 -34.03
CA VAL A 506 2.81 -5.71 -32.62
C VAL A 506 3.73 -6.67 -31.88
N ILE A 507 4.19 -7.73 -32.54
CA ILE A 507 5.10 -8.62 -31.85
C ILE A 507 6.41 -7.92 -31.57
N ARG A 508 6.93 -7.19 -32.54
CA ARG A 508 8.17 -6.47 -32.27
C ARG A 508 7.95 -5.40 -31.22
N TYR A 509 6.72 -4.94 -31.06
CA TYR A 509 6.42 -4.02 -29.99
C TYR A 509 6.52 -4.71 -28.64
N TRP A 510 5.97 -5.90 -28.51
CA TRP A 510 6.01 -6.55 -27.21
C TRP A 510 7.40 -6.98 -26.79
N GLU A 511 8.33 -7.16 -27.71
CA GLU A 511 9.61 -7.77 -27.38
C GLU A 511 10.46 -6.84 -26.54
N GLU A 512 11.52 -7.37 -25.96
CA GLU A 512 12.48 -6.58 -25.22
C GLU A 512 13.88 -6.81 -25.74
N ASN A 513 14.61 -5.72 -25.96
CA ASN A 513 16.01 -5.82 -26.32
C ASN A 513 16.82 -4.99 -25.35
N ASP A 514 18.07 -4.71 -25.70
CA ASP A 514 18.93 -3.89 -24.86
C ASP A 514 18.23 -2.62 -24.39
N GLY A 515 17.95 -1.71 -25.32
CA GLY A 515 17.41 -0.42 -24.95
C GLY A 515 15.96 -0.23 -25.34
N LYS A 516 15.12 -1.23 -25.06
CA LYS A 516 13.71 -1.13 -25.43
C LYS A 516 12.94 -2.12 -24.57
N ASN A 517 12.32 -1.64 -23.51
CA ASN A 517 11.53 -2.51 -22.66
C ASN A 517 10.14 -2.67 -23.25
N GLY A 518 9.60 -3.89 -23.15
CA GLY A 518 8.35 -4.19 -23.80
C GLY A 518 7.19 -3.41 -23.21
N MET A 519 6.06 -3.50 -23.86
CA MET A 519 4.92 -2.77 -23.32
C MET A 519 3.64 -3.57 -23.43
N ALA A 520 3.73 -4.89 -23.51
CA ALA A 520 2.53 -5.70 -23.46
C ALA A 520 1.88 -5.50 -22.10
N TRP A 521 0.67 -4.95 -22.09
CA TRP A 521 0.01 -4.54 -20.87
C TRP A 521 -1.06 -5.51 -20.44
N LEU A 522 -0.86 -6.81 -20.57
CA LEU A 522 -1.89 -7.78 -20.18
C LEU A 522 -2.38 -7.53 -18.77
N GLY A 523 -3.49 -8.15 -18.44
CA GLY A 523 -3.92 -8.20 -17.06
C GLY A 523 -4.88 -7.07 -16.72
N GLY A 524 -5.21 -7.01 -15.44
CA GLY A 524 -6.15 -6.04 -14.93
C GLY A 524 -5.45 -4.97 -14.13
N LEU A 525 -6.24 -4.09 -13.54
CA LEU A 525 -5.75 -3.06 -12.63
C LEU A 525 -4.64 -2.24 -13.22
N ASP A 526 -4.46 -2.26 -14.54
CA ASP A 526 -3.23 -1.67 -15.03
C ASP A 526 -3.20 -0.17 -14.88
N SER A 527 -4.12 0.43 -14.14
CA SER A 527 -4.06 1.87 -14.02
C SER A 527 -2.96 2.29 -13.06
N THR A 528 -2.72 1.52 -12.01
CA THR A 528 -1.62 1.86 -11.11
C THR A 528 -0.36 1.08 -11.44
N GLY A 529 -0.24 0.60 -12.66
CA GLY A 529 1.00 0.00 -13.11
C GLY A 529 1.22 -1.44 -12.71
N LYS A 530 0.19 -2.25 -12.69
CA LYS A 530 0.35 -3.67 -12.40
C LYS A 530 0.10 -4.45 -13.67
N GLY A 531 1.14 -4.96 -14.27
CA GLY A 531 0.92 -5.85 -15.39
C GLY A 531 1.73 -5.61 -16.63
N ARG A 532 2.80 -4.82 -16.60
CA ARG A 532 3.63 -4.71 -17.77
C ARG A 532 4.34 -6.04 -17.98
N PHE A 533 4.49 -6.46 -19.21
CA PHE A 533 5.09 -7.75 -19.50
C PHE A 533 6.09 -7.58 -20.63
N ALA A 534 6.77 -8.66 -20.98
CA ALA A 534 7.74 -8.57 -22.05
C ALA A 534 8.06 -9.94 -22.59
N LEU A 535 8.10 -10.09 -23.91
CA LEU A 535 8.55 -11.31 -24.54
C LEU A 535 10.05 -11.43 -24.44
N LYS A 536 10.55 -12.66 -24.37
CA LYS A 536 11.98 -12.89 -24.52
C LYS A 536 12.19 -14.21 -25.24
N ASP A 537 13.25 -14.26 -26.04
CA ASP A 537 13.61 -15.44 -26.81
C ASP A 537 12.56 -15.79 -27.86
N ILE A 538 12.28 -14.85 -28.73
CA ILE A 538 11.40 -15.13 -29.84
C ILE A 538 12.13 -15.99 -30.85
N LYS A 539 11.49 -17.05 -31.33
CA LYS A 539 12.07 -17.89 -32.38
C LYS A 539 10.94 -18.41 -33.23
N ILE A 540 10.88 -17.99 -34.49
CA ILE A 540 9.75 -18.27 -35.37
C ILE A 540 10.05 -19.49 -36.22
N PHE A 541 9.08 -20.36 -36.39
CA PHE A 541 9.25 -21.46 -37.34
C PHE A 541 8.09 -21.44 -38.32
N GLU A 542 8.26 -22.07 -39.48
CA GLU A 542 7.16 -22.12 -40.43
C GLU A 542 7.03 -23.49 -41.07
N TRP A 543 5.79 -23.88 -41.33
CA TRP A 543 5.49 -25.12 -42.02
C TRP A 543 5.22 -24.80 -43.48
N ASP A 544 4.87 -25.82 -44.25
CA ASP A 544 4.31 -25.61 -45.58
C ASP A 544 3.11 -26.52 -45.78
N LEU A 545 1.95 -25.91 -45.96
CA LEU A 545 0.73 -26.66 -46.21
C LEU A 545 0.45 -26.88 -47.67
N ASN A 546 1.36 -26.50 -48.57
CA ASN A 546 1.04 -26.69 -49.96
C ASN A 546 1.54 -28.02 -50.49
N GLN A 547 2.81 -28.33 -50.25
CA GLN A 547 3.43 -29.54 -50.75
C GLN A 547 4.10 -30.38 -49.67
N LYS A 548 4.03 -29.96 -48.42
CA LYS A 548 4.47 -30.76 -47.29
C LYS A 548 3.35 -30.89 -46.28
N ILE A 549 2.19 -31.36 -46.75
CA ILE A 549 1.04 -31.49 -45.86
C ILE A 549 1.15 -32.75 -45.02
N ASN A 550 1.54 -33.87 -45.62
CA ASN A 550 1.57 -35.12 -44.86
C ASN A 550 2.51 -35.03 -43.69
N GLU A 551 3.62 -34.33 -43.86
CA GLU A 551 4.51 -34.14 -42.73
C GLU A 551 3.86 -33.26 -41.68
N TYR A 552 2.75 -32.62 -42.00
CA TYR A 552 1.98 -31.92 -40.98
C TYR A 552 1.02 -32.88 -40.29
N ILE A 553 0.17 -33.56 -41.07
CA ILE A 553 -0.81 -34.44 -40.47
C ILE A 553 -0.15 -35.43 -39.54
N LYS A 554 1.06 -35.87 -39.86
CA LYS A 554 1.67 -36.87 -39.01
C LYS A 554 2.07 -36.30 -37.65
N GLU A 555 2.19 -34.98 -37.53
CA GLU A 555 2.55 -34.38 -36.24
C GLU A 555 1.37 -33.74 -35.53
N ARG A 556 0.15 -34.11 -35.89
CA ARG A 556 -1.05 -33.44 -35.37
C ARG A 556 -0.84 -31.95 -35.28
N GLY A 557 -0.04 -31.39 -36.18
CA GLY A 557 0.29 -29.99 -36.13
C GLY A 557 1.25 -29.62 -35.04
N MET A 558 1.90 -30.60 -34.42
CA MET A 558 2.73 -30.32 -33.27
C MET A 558 1.96 -29.47 -32.27
N ARG A 559 0.88 -30.05 -31.76
CA ARG A 559 0.07 -29.44 -30.72
C ARG A 559 0.32 -30.22 -29.45
N GLY A 560 0.72 -29.53 -28.39
CA GLY A 560 0.96 -30.18 -27.13
C GLY A 560 2.40 -30.50 -26.83
N LYS A 561 3.31 -30.23 -27.75
CA LYS A 561 4.73 -30.43 -27.47
C LYS A 561 5.49 -29.11 -27.64
N GLU A 562 4.83 -28.01 -27.33
CA GLU A 562 5.41 -26.69 -27.57
C GLU A 562 6.48 -26.33 -26.55
N LYS A 563 6.90 -27.27 -25.71
CA LYS A 563 8.01 -26.96 -24.81
C LYS A 563 9.33 -27.43 -25.40
N GLU A 564 9.29 -28.36 -26.35
CA GLU A 564 10.53 -28.75 -27.01
C GLU A 564 11.08 -27.58 -27.82
N LEU A 565 10.24 -26.99 -28.68
CA LEU A 565 10.74 -26.08 -29.70
C LEU A 565 11.57 -24.95 -29.10
N LEU A 566 11.24 -24.51 -27.89
CA LEU A 566 11.86 -23.29 -27.42
C LEU A 566 13.35 -23.48 -27.18
N GLU A 567 13.81 -24.73 -27.08
CA GLU A 567 15.20 -24.98 -26.73
C GLU A 567 15.86 -26.09 -27.53
N MET A 568 15.12 -26.80 -28.36
CA MET A 568 15.74 -27.93 -29.03
C MET A 568 16.74 -27.46 -30.06
N GLY A 569 17.68 -28.34 -30.37
CA GLY A 569 18.73 -28.00 -31.30
C GLY A 569 18.22 -27.87 -32.72
N GLU A 570 18.79 -26.91 -33.44
CA GLU A 570 18.31 -26.60 -34.78
C GLU A 570 18.44 -27.78 -35.73
N SER A 571 19.09 -28.86 -35.33
CA SER A 571 19.30 -29.96 -36.25
C SER A 571 18.15 -30.93 -36.28
N SER A 572 17.36 -31.02 -35.21
CA SER A 572 16.41 -32.12 -35.06
C SER A 572 14.96 -31.69 -35.25
N LEU A 573 14.72 -30.62 -36.00
CA LEU A 573 13.35 -30.25 -36.32
C LEU A 573 12.68 -31.40 -37.07
N PRO A 574 11.38 -31.58 -36.91
CA PRO A 574 10.70 -32.61 -37.69
C PRO A 574 10.67 -32.21 -39.14
N ASP A 575 10.79 -33.21 -40.01
CA ASP A 575 10.90 -32.92 -41.43
C ASP A 575 9.70 -32.12 -41.90
N GLY A 576 9.96 -30.98 -42.50
CA GLY A 576 8.90 -30.10 -42.94
C GLY A 576 8.74 -28.85 -42.11
N LEU A 577 9.75 -28.45 -41.38
CA LEU A 577 9.70 -27.24 -40.57
C LEU A 577 10.96 -26.44 -40.84
N ILE A 578 10.82 -25.15 -41.12
CA ILE A 578 12.01 -24.37 -41.45
C ILE A 578 12.09 -23.14 -40.55
N PRO A 579 13.27 -22.75 -40.11
CA PRO A 579 13.41 -21.48 -39.40
C PRO A 579 13.10 -20.35 -40.34
N TYR A 580 12.51 -19.29 -39.81
CA TYR A 580 12.02 -18.19 -40.62
C TYR A 580 13.06 -17.09 -40.65
N LYS A 581 13.53 -16.75 -41.83
CA LYS A 581 14.25 -15.50 -42.02
C LYS A 581 13.22 -14.39 -42.23
N PHE A 582 13.67 -13.26 -42.76
CA PHE A 582 12.77 -12.20 -43.20
C PHE A 582 11.91 -11.67 -42.06
N PHE A 583 12.31 -11.92 -40.83
CA PHE A 583 11.59 -11.37 -39.70
C PHE A 583 12.06 -9.94 -39.56
N GLU A 584 11.29 -9.01 -40.12
CA GLU A 584 11.71 -7.62 -40.11
C GLU A 584 11.97 -7.14 -38.70
N GLU A 585 12.84 -6.15 -38.54
CA GLU A 585 13.30 -5.73 -37.23
C GLU A 585 13.12 -4.22 -37.04
N ARG A 586 11.94 -3.82 -36.59
CA ARG A 586 11.75 -2.53 -35.95
C ARG A 586 12.00 -1.34 -36.86
N GLU A 587 12.52 -1.57 -38.06
CA GLU A 587 12.79 -0.46 -38.96
C GLU A 587 12.01 -0.54 -40.25
N CYS A 588 12.12 -1.64 -40.99
CA CYS A 588 11.32 -1.76 -42.20
C CYS A 588 9.84 -1.86 -41.87
N LEU A 589 9.51 -2.26 -40.65
CA LEU A 589 8.13 -2.27 -40.19
C LEU A 589 7.58 -0.86 -40.17
N PHE A 590 6.48 -0.64 -40.84
CA PHE A 590 5.93 0.69 -40.82
C PHE A 590 5.11 0.92 -39.55
N PRO A 591 4.10 0.10 -39.27
CA PRO A 591 3.22 0.41 -38.14
C PRO A 591 3.97 0.59 -36.85
N TYR A 592 5.06 -0.12 -36.62
CA TYR A 592 5.79 0.11 -35.40
C TYR A 592 6.35 1.50 -35.36
N LYS A 593 6.86 2.00 -36.48
CA LYS A 593 7.47 3.32 -36.42
C LYS A 593 6.43 4.43 -36.41
N GLU A 594 5.24 4.17 -36.94
CA GLU A 594 4.30 5.26 -37.15
C GLU A 594 3.20 5.35 -36.10
N ASN A 595 2.44 4.27 -35.89
CA ASN A 595 1.24 4.32 -35.07
C ASN A 595 1.44 3.76 -33.67
N LEU A 596 2.36 2.83 -33.47
CA LEU A 596 2.47 2.24 -32.15
C LEU A 596 3.45 2.97 -31.26
N LYS A 597 4.65 3.24 -31.73
CA LYS A 597 5.68 3.72 -30.82
C LYS A 597 5.28 4.99 -30.11
N PRO A 598 4.63 5.96 -30.73
CA PRO A 598 4.20 7.13 -29.98
C PRO A 598 2.96 6.88 -29.14
N GLN A 599 2.61 5.63 -28.88
CA GLN A 599 1.47 5.39 -28.01
C GLN A 599 1.74 5.93 -26.62
N TRP A 600 2.65 5.32 -25.90
CA TRP A 600 2.99 5.78 -24.56
C TRP A 600 4.39 6.36 -24.57
N SER A 601 4.59 7.39 -23.78
CA SER A 601 5.92 7.94 -23.56
C SER A 601 6.25 7.81 -22.09
N GLU A 602 7.49 7.43 -21.80
CA GLU A 602 7.91 7.17 -20.44
C GLU A 602 8.57 8.38 -19.83
N VAL A 603 8.53 8.47 -18.52
CA VAL A 603 9.28 9.47 -17.78
C VAL A 603 9.91 8.78 -16.60
N GLN A 604 11.15 9.14 -16.29
CA GLN A 604 11.94 8.44 -15.30
C GLN A 604 12.74 9.44 -14.49
N TYR A 605 12.73 9.32 -13.17
CA TYR A 605 13.49 10.29 -12.38
C TYR A 605 13.77 9.77 -11.00
N THR A 606 14.69 10.44 -10.31
CA THR A 606 15.17 9.98 -9.02
C THR A 606 15.01 11.07 -7.96
N ILE A 607 14.10 10.85 -7.02
CA ILE A 607 13.95 11.75 -5.89
C ILE A 607 15.09 11.50 -4.92
N GLU A 608 15.37 12.48 -4.08
CA GLU A 608 16.53 12.40 -3.20
C GLU A 608 16.13 12.76 -1.77
N VAL A 609 15.63 11.79 -1.02
CA VAL A 609 15.05 12.03 0.29
C VAL A 609 16.16 12.29 1.31
N GLY A 610 15.92 13.22 2.22
CA GLY A 610 16.91 13.57 3.21
C GLY A 610 16.44 13.65 4.65
N SER A 611 15.74 12.63 5.13
CA SER A 611 15.34 12.52 6.53
C SER A 611 14.78 11.13 6.73
N PRO A 612 14.65 10.68 7.97
CA PRO A 612 14.17 9.33 8.19
C PRO A 612 12.82 9.17 7.51
N LEU A 613 12.62 8.05 6.84
CA LEU A 613 11.48 7.86 5.96
C LEU A 613 10.73 6.60 6.36
N LEU A 614 9.41 6.68 6.42
CA LEU A 614 8.62 5.57 6.94
C LEU A 614 7.32 5.44 6.18
N THR A 615 7.03 4.24 5.67
CA THR A 615 5.74 3.91 5.08
C THR A 615 5.15 2.75 5.87
N ALA A 616 4.25 3.06 6.79
CA ALA A 616 3.83 2.08 7.78
C ALA A 616 3.29 0.83 7.13
N ASP A 617 3.77 -0.31 7.60
CA ASP A 617 3.26 -1.61 7.18
C ASP A 617 2.95 -2.36 8.45
N THR A 618 1.79 -2.10 9.04
CA THR A 618 1.58 -2.52 10.41
C THR A 618 1.45 -4.02 10.53
N ILE A 619 0.67 -4.65 9.65
CA ILE A 619 0.31 -6.04 9.87
C ILE A 619 1.52 -6.94 9.81
N SER A 620 2.62 -6.48 9.22
CA SER A 620 3.82 -7.29 9.24
C SER A 620 4.53 -7.18 10.57
N ALA A 621 4.47 -6.02 11.21
CA ALA A 621 5.23 -5.81 12.43
C ALA A 621 4.79 -6.72 13.56
N LEU A 622 3.78 -7.55 13.37
CA LEU A 622 3.41 -8.48 14.42
C LEU A 622 4.10 -9.82 14.29
N THR A 623 4.72 -10.12 13.16
CA THR A 623 5.15 -11.48 12.93
C THR A 623 6.62 -11.57 12.53
N GLU A 624 7.44 -10.67 13.05
CA GLU A 624 8.87 -10.75 12.85
C GLU A 624 9.59 -10.36 14.13
N PRO A 625 10.82 -10.82 14.33
CA PRO A 625 11.47 -10.68 15.64
C PRO A 625 11.79 -9.26 16.06
N GLY A 626 11.35 -8.24 15.33
CA GLY A 626 11.71 -6.88 15.69
C GLY A 626 11.13 -6.44 17.02
N ASN A 627 9.90 -6.85 17.32
CA ASN A 627 9.13 -6.35 18.46
C ASN A 627 8.88 -4.85 18.37
N ARG A 628 8.52 -4.36 17.20
CA ARG A 628 8.34 -2.93 16.98
C ARG A 628 6.92 -2.66 16.53
N ASP A 629 6.64 -1.40 16.18
CA ASP A 629 5.29 -1.02 15.80
C ASP A 629 5.14 -0.74 14.32
N ALA A 630 5.99 0.08 13.75
CA ALA A 630 5.94 0.36 12.33
C ALA A 630 7.22 -0.13 11.70
N ILE A 631 7.13 -0.68 10.50
CA ILE A 631 8.30 -1.09 9.75
C ILE A 631 8.16 -0.56 8.34
N ALA A 632 9.30 -0.36 7.69
CA ALA A 632 9.23 0.08 6.31
C ALA A 632 8.70 -1.03 5.42
N TYR A 633 8.12 -0.64 4.30
CA TYR A 633 7.54 -1.59 3.36
C TYR A 633 8.60 -2.53 2.82
N LYS A 634 8.19 -3.71 2.37
CA LYS A 634 9.14 -4.69 1.86
C LYS A 634 8.55 -5.43 0.68
N LYS A 635 9.04 -5.13 -0.52
CA LYS A 635 8.66 -5.93 -1.67
C LYS A 635 9.50 -7.19 -1.69
N ARG A 636 8.94 -8.24 -2.26
CA ARG A 636 9.69 -9.46 -2.51
C ARG A 636 9.70 -9.70 -4.01
N VAL A 637 10.87 -10.04 -4.55
CA VAL A 637 11.02 -10.15 -5.99
C VAL A 637 11.59 -11.51 -6.32
N TYR A 638 11.15 -12.06 -7.45
CA TYR A 638 11.72 -13.28 -7.99
C TYR A 638 13.08 -12.97 -8.57
N ASN A 639 13.84 -14.01 -8.88
CA ASN A 639 15.16 -13.86 -9.46
C ASN A 639 15.39 -15.03 -10.40
N ASP A 640 15.25 -14.79 -11.70
CA ASP A 640 15.15 -15.90 -12.64
C ASP A 640 16.42 -16.74 -12.69
N GLY A 641 17.55 -16.22 -12.24
CA GLY A 641 18.76 -17.01 -12.30
C GLY A 641 18.76 -18.19 -11.33
N ASN A 642 17.99 -18.07 -10.26
CA ASN A 642 18.07 -19.02 -9.16
C ASN A 642 16.78 -19.81 -8.94
N ASN A 643 15.68 -19.42 -9.57
CA ASN A 643 14.39 -20.09 -9.42
C ASN A 643 13.92 -20.07 -7.97
N ALA A 644 14.29 -19.03 -7.23
CA ALA A 644 13.90 -18.95 -5.84
C ALA A 644 13.81 -17.49 -5.45
N ILE A 645 12.92 -17.21 -4.51
CA ILE A 645 12.69 -15.83 -4.13
C ILE A 645 13.97 -15.21 -3.63
N GLU A 646 14.22 -13.98 -4.05
CA GLU A 646 15.44 -13.29 -3.71
C GLU A 646 15.62 -13.24 -2.20
N PRO A 647 16.80 -13.54 -1.69
CA PRO A 647 16.96 -13.65 -0.23
C PRO A 647 16.84 -12.33 0.48
N GLU A 648 17.21 -11.26 -0.15
CA GLU A 648 17.11 -9.97 0.52
C GLU A 648 15.98 -9.15 -0.05
N PRO A 649 14.99 -8.77 0.75
CA PRO A 649 13.91 -7.94 0.24
C PRO A 649 14.43 -6.59 -0.24
N ARG A 650 13.61 -5.94 -1.06
CA ARG A 650 13.95 -4.65 -1.63
C ARG A 650 12.99 -3.60 -1.11
N PHE A 651 13.50 -2.65 -0.34
CA PHE A 651 12.65 -1.62 0.21
C PHE A 651 12.09 -0.75 -0.90
N ALA A 652 10.95 -0.12 -0.64
CA ALA A 652 10.33 0.68 -1.68
C ALA A 652 9.24 1.54 -1.10
N VAL A 653 8.55 2.25 -1.98
CA VAL A 653 7.36 3.01 -1.67
C VAL A 653 6.29 2.58 -2.64
N LYS A 654 5.15 2.13 -2.13
CA LYS A 654 4.14 1.55 -2.99
C LYS A 654 3.76 2.50 -4.11
N SER A 655 3.30 1.93 -5.23
CA SER A 655 2.99 2.75 -6.39
C SER A 655 1.82 3.68 -6.13
N GLU A 656 0.71 3.14 -5.66
CA GLU A 656 -0.46 3.96 -5.54
C GLU A 656 -0.25 5.15 -4.62
N THR A 657 0.74 5.13 -3.74
CA THR A 657 1.06 6.35 -3.01
C THR A 657 1.64 7.40 -3.93
N HIS A 658 2.55 6.99 -4.80
CA HIS A 658 2.98 7.87 -5.87
C HIS A 658 1.76 8.47 -6.57
N ARG A 659 0.83 7.61 -6.95
CA ARG A 659 -0.34 8.09 -7.68
C ARG A 659 -1.10 9.11 -6.87
N GLY A 660 -1.40 8.80 -5.63
CA GLY A 660 -2.16 9.73 -4.83
C GLY A 660 -1.47 11.07 -4.70
N ILE A 661 -0.14 11.07 -4.58
CA ILE A 661 0.54 12.33 -4.40
C ILE A 661 0.32 13.22 -5.61
N PHE A 662 0.51 12.66 -6.80
CA PHE A 662 0.23 13.50 -7.95
C PHE A 662 -1.23 13.92 -8.00
N ARG A 663 -2.14 13.02 -7.65
CA ARG A 663 -3.55 13.38 -7.71
C ARG A 663 -3.80 14.60 -6.87
N THR A 664 -3.38 14.57 -5.63
CA THR A 664 -3.67 15.69 -4.77
C THR A 664 -2.98 16.94 -5.24
N ALA A 665 -1.76 16.82 -5.75
CA ALA A 665 -1.07 18.04 -6.17
C ALA A 665 -1.87 18.73 -7.26
N VAL A 666 -2.20 18.00 -8.32
CA VAL A 666 -2.91 18.64 -9.42
C VAL A 666 -4.26 19.15 -8.95
N GLY A 667 -4.96 18.37 -8.13
CA GLY A 667 -6.24 18.82 -7.65
C GLY A 667 -6.13 20.11 -6.89
N ARG A 668 -5.40 20.10 -5.77
CA ARG A 668 -5.25 21.29 -4.97
C ARG A 668 -4.93 22.49 -5.82
N ARG A 669 -4.06 22.34 -6.81
CA ARG A 669 -3.79 23.51 -7.62
C ARG A 669 -5.05 23.97 -8.33
N THR A 670 -5.60 23.14 -9.20
CA THR A 670 -6.71 23.62 -10.02
C THR A 670 -8.03 23.66 -9.29
N GLY A 671 -8.04 23.51 -7.97
CA GLY A 671 -9.22 23.80 -7.17
C GLY A 671 -10.43 22.94 -7.45
N ASP A 672 -10.24 21.64 -7.63
CA ASP A 672 -11.33 20.73 -7.95
C ASP A 672 -11.38 19.50 -7.06
N LEU A 673 -10.46 19.36 -6.12
CA LEU A 673 -10.45 18.15 -5.33
C LEU A 673 -11.65 18.03 -4.43
N GLY A 674 -12.44 19.09 -4.28
CA GLY A 674 -13.44 19.07 -3.23
C GLY A 674 -14.89 18.96 -3.64
N LYS A 675 -15.22 19.44 -4.83
CA LYS A 675 -16.63 19.56 -5.22
C LYS A 675 -17.32 18.20 -5.24
N GLU A 676 -18.65 18.24 -5.33
CA GLU A 676 -19.49 17.08 -5.08
C GLU A 676 -19.93 16.39 -6.37
N ASP A 677 -20.35 17.16 -7.37
CA ASP A 677 -20.79 16.58 -8.64
C ASP A 677 -19.59 15.94 -9.32
N HIS A 678 -19.10 14.86 -8.72
CA HIS A 678 -17.81 14.28 -9.08
C HIS A 678 -17.92 12.90 -9.73
N GLU A 679 -19.01 12.18 -9.50
CA GLU A 679 -19.26 10.97 -10.26
C GLU A 679 -19.47 11.28 -11.73
N ASP A 680 -19.70 12.54 -12.06
CA ASP A 680 -19.87 12.97 -13.43
C ASP A 680 -19.13 14.28 -13.71
N CYS A 681 -18.07 14.56 -12.95
CA CYS A 681 -17.40 15.85 -13.05
C CYS A 681 -16.70 15.99 -14.40
N THR A 682 -16.42 17.25 -14.74
CA THR A 682 -15.99 17.60 -16.09
C THR A 682 -14.75 18.48 -16.12
N CYS A 683 -14.05 18.62 -15.00
CA CYS A 683 -12.90 19.52 -14.93
C CYS A 683 -11.68 18.83 -15.55
N ASP A 684 -10.49 19.36 -15.28
CA ASP A 684 -9.29 18.78 -15.86
C ASP A 684 -8.77 17.59 -15.07
N MET A 685 -8.93 17.62 -13.75
CA MET A 685 -8.49 16.49 -12.95
C MET A 685 -9.19 15.21 -13.38
N CYS A 686 -10.49 15.28 -13.66
CA CYS A 686 -11.18 14.09 -14.11
C CYS A 686 -10.57 13.56 -15.38
N ILE A 687 -10.42 14.40 -16.40
CA ILE A 687 -9.92 13.93 -17.67
C ILE A 687 -8.57 13.27 -17.51
N ILE A 688 -7.65 13.92 -16.80
CA ILE A 688 -6.30 13.40 -16.77
C ILE A 688 -6.21 12.13 -15.93
N PHE A 689 -6.94 12.06 -14.82
CA PHE A 689 -6.76 10.89 -13.98
C PHE A 689 -7.81 9.82 -14.17
N GLY A 690 -9.06 10.18 -14.36
CA GLY A 690 -10.05 9.19 -14.74
C GLY A 690 -11.15 8.91 -13.74
N ASN A 691 -12.36 9.33 -14.04
CA ASN A 691 -13.50 9.11 -13.17
C ASN A 691 -14.15 7.78 -13.53
N GLU A 692 -15.37 7.57 -13.05
CA GLU A 692 -16.01 6.28 -13.26
C GLU A 692 -16.51 6.10 -14.68
N HIS A 693 -16.34 7.10 -15.54
CA HIS A 693 -16.80 6.92 -16.92
C HIS A 693 -15.68 6.37 -17.80
N GLU A 694 -14.48 6.89 -17.66
CA GLU A 694 -13.41 6.64 -18.62
C GLU A 694 -12.31 5.85 -17.96
N SER A 695 -11.17 5.81 -18.63
CA SER A 695 -9.95 5.24 -18.08
C SER A 695 -8.98 6.36 -17.75
N SER A 696 -7.92 6.00 -17.04
CA SER A 696 -6.88 6.96 -16.80
C SER A 696 -6.09 7.18 -18.07
N LYS A 697 -5.47 8.35 -18.15
CA LYS A 697 -4.57 8.65 -19.24
C LYS A 697 -3.14 8.78 -18.76
N ILE A 698 -2.90 8.66 -17.47
CA ILE A 698 -1.56 8.64 -16.90
C ILE A 698 -1.47 7.35 -16.11
N ARG A 699 -0.31 6.74 -16.07
CA ARG A 699 -0.21 5.41 -15.47
C ARG A 699 1.06 5.28 -14.65
N PHE A 700 0.90 5.03 -13.37
CA PHE A 700 2.02 5.11 -12.46
C PHE A 700 2.67 3.77 -12.23
N GLU A 701 3.87 3.82 -11.67
CA GLU A 701 4.65 2.62 -11.43
C GLU A 701 5.41 2.81 -10.13
N ASP A 702 6.20 1.82 -9.77
CA ASP A 702 6.75 1.76 -8.42
C ASP A 702 7.92 2.71 -8.25
N LEU A 703 8.14 3.09 -7.01
CA LEU A 703 9.32 3.83 -6.59
C LEU A 703 10.24 2.87 -5.85
N GLU A 704 11.46 2.70 -6.33
CA GLU A 704 12.37 1.76 -5.70
C GLU A 704 13.59 2.48 -5.17
N LEU A 705 14.38 1.75 -4.41
CA LEU A 705 15.54 2.28 -3.74
C LEU A 705 16.79 1.61 -4.29
N ILE A 706 17.70 2.41 -4.83
CA ILE A 706 18.90 1.88 -5.46
C ILE A 706 20.15 2.11 -4.64
N ASN A 707 20.19 3.15 -3.81
CA ASN A 707 21.38 3.44 -3.04
C ASN A 707 21.20 2.90 -1.63
N GLY A 708 21.14 1.59 -1.55
CA GLY A 708 20.95 0.94 -0.28
C GLY A 708 22.20 0.25 0.22
N ASN A 709 23.14 0.02 -0.67
CA ASN A 709 24.29 -0.77 -0.24
C ASN A 709 25.30 0.07 0.50
N GLU A 710 25.45 1.36 0.16
CA GLU A 710 26.51 2.15 0.78
C GLU A 710 26.22 2.44 2.24
N PHE A 711 24.96 2.32 2.65
CA PHE A 711 24.62 2.51 4.04
C PHE A 711 25.02 1.29 4.85
N GLU A 712 25.79 1.48 5.91
CA GLU A 712 26.17 0.33 6.71
C GLU A 712 25.03 -0.16 7.59
N LYS A 713 24.11 0.71 7.97
CA LYS A 713 22.99 0.31 8.81
C LYS A 713 21.77 1.12 8.38
N LEU A 714 20.79 0.44 7.79
CA LEU A 714 19.70 1.15 7.15
C LEU A 714 18.73 1.76 8.15
N GLU A 715 18.23 0.94 9.07
CA GLU A 715 17.02 1.29 9.82
C GLU A 715 17.35 1.52 11.29
N LYS A 716 16.84 2.62 11.83
CA LYS A 716 17.27 3.07 13.15
C LYS A 716 16.10 3.16 14.12
N HIS A 717 16.26 2.60 15.30
CA HIS A 717 15.22 2.63 16.33
C HIS A 717 15.03 4.04 16.84
N ILE A 718 13.79 4.44 17.09
CA ILE A 718 13.52 5.77 17.62
C ILE A 718 12.32 5.67 18.57
N ASP A 719 12.39 6.35 19.70
CA ASP A 719 11.32 6.29 20.68
C ASP A 719 10.53 7.59 20.69
N HIS A 720 9.28 7.50 21.13
CA HIS A 720 8.45 8.67 21.35
C HIS A 720 7.62 8.45 22.60
N VAL A 721 7.30 9.54 23.30
CA VAL A 721 6.45 9.51 24.47
C VAL A 721 5.49 10.68 24.37
N ALA A 722 4.44 10.67 25.16
CA ALA A 722 3.61 11.85 25.25
C ALA A 722 3.40 12.23 26.70
N ILE A 723 3.79 13.45 27.04
CA ILE A 723 3.84 13.84 28.44
C ILE A 723 2.55 14.56 28.79
N ASP A 724 2.29 14.63 30.08
CA ASP A 724 1.07 15.20 30.62
C ASP A 724 1.27 16.68 30.90
N ARG A 725 0.39 17.52 30.35
CA ARG A 725 0.60 18.94 30.53
C ARG A 725 0.39 19.39 31.96
N PHE A 726 -0.12 18.52 32.84
CA PHE A 726 -0.24 18.90 34.24
C PHE A 726 1.01 18.55 35.03
N THR A 727 1.43 17.31 35.04
CA THR A 727 2.65 16.92 35.72
C THR A 727 3.60 16.33 34.70
N GLY A 728 4.76 16.94 34.53
CA GLY A 728 5.59 16.59 33.39
C GLY A 728 6.15 15.19 33.42
N GLY A 729 5.27 14.19 33.55
CA GLY A 729 5.68 12.81 33.50
C GLY A 729 4.91 12.09 32.40
N ALA A 730 5.32 10.87 32.13
CA ALA A 730 4.71 10.15 31.03
C ALA A 730 3.28 9.80 31.36
N LEU A 731 2.36 10.24 30.51
CA LEU A 731 0.98 9.80 30.62
C LEU A 731 0.91 8.29 30.55
N ASP A 732 -0.06 7.71 31.22
CA ASP A 732 -0.23 6.26 31.16
C ASP A 732 -0.51 5.83 29.74
N LYS A 733 0.12 4.73 29.32
CA LYS A 733 -0.16 4.11 28.03
C LYS A 733 0.22 5.00 26.86
N ALA A 734 1.36 5.67 26.90
CA ALA A 734 1.75 6.47 25.74
C ALA A 734 3.27 6.51 25.59
N LYS A 735 3.89 5.35 25.51
CA LYS A 735 5.28 5.26 25.09
C LYS A 735 5.39 4.30 23.94
N PHE A 736 5.68 4.80 22.75
CA PHE A 736 5.75 3.92 21.60
C PHE A 736 7.04 4.19 20.84
N ASP A 737 7.19 3.53 19.71
CA ASP A 737 8.44 3.67 18.99
C ASP A 737 8.24 3.34 17.53
N THR A 738 9.12 3.88 16.72
CA THR A 738 9.10 3.64 15.30
C THR A 738 10.47 3.19 14.84
N TYR A 739 10.53 2.74 13.59
CA TYR A 739 11.67 1.99 13.08
C TYR A 739 11.83 2.24 11.60
N PRO A 740 12.15 3.46 11.22
CA PRO A 740 12.21 3.80 9.80
C PRO A 740 13.59 3.61 9.22
N LEU A 741 13.64 3.69 7.89
CA LEU A 741 14.91 3.79 7.19
C LEU A 741 15.56 5.11 7.54
N ALA A 742 16.88 5.16 7.45
CA ALA A 742 17.64 6.33 7.88
C ALA A 742 18.07 7.15 6.69
N GLY A 743 18.29 8.42 6.90
CA GLY A 743 18.90 9.24 5.88
C GLY A 743 19.37 10.57 6.39
N SER A 744 20.58 10.87 6.17
CA SER A 744 21.08 12.10 6.75
C SER A 744 20.98 13.23 5.76
N PRO A 745 21.07 14.48 6.22
CA PRO A 745 21.21 15.60 5.27
C PRO A 745 22.50 15.57 4.50
N LYS A 746 23.48 14.80 4.91
CA LYS A 746 24.74 14.69 4.19
C LYS A 746 24.86 13.39 3.41
N LYS A 747 24.25 12.31 3.88
CA LYS A 747 24.15 11.08 3.10
C LYS A 747 22.69 10.77 2.91
N PRO A 748 22.13 11.01 1.74
CA PRO A 748 20.71 10.81 1.52
C PRO A 748 20.41 9.51 0.80
N LEU A 749 19.21 9.00 1.04
CA LEU A 749 18.67 7.93 0.21
C LEU A 749 18.52 8.40 -1.22
N LYS A 750 18.23 7.49 -2.12
CA LYS A 750 17.94 7.88 -3.50
C LYS A 750 16.89 6.96 -4.07
N LEU A 751 15.81 7.51 -4.58
CA LEU A 751 14.70 6.70 -5.08
C LEU A 751 14.53 6.91 -6.57
N LYS A 752 14.35 5.82 -7.31
CA LYS A 752 14.15 5.89 -8.75
C LYS A 752 12.76 5.42 -9.10
N GLY A 753 12.11 6.10 -10.03
CA GLY A 753 10.74 5.75 -10.34
C GLY A 753 10.38 6.17 -11.75
N ARG A 754 9.26 5.66 -12.21
CA ARG A 754 8.86 5.78 -13.60
C ARG A 754 7.38 6.10 -13.66
N PHE A 755 6.91 6.65 -14.79
CA PHE A 755 5.48 6.79 -15.01
C PHE A 755 5.21 7.15 -16.46
N TRP A 756 4.04 6.76 -16.97
CA TRP A 756 3.77 6.75 -18.40
C TRP A 756 2.65 7.71 -18.78
N ILE A 757 2.74 8.25 -19.99
CA ILE A 757 1.81 9.25 -20.50
C ILE A 757 1.31 8.84 -21.88
N LYS A 758 0.00 8.86 -22.07
CA LYS A 758 -0.56 8.45 -23.34
C LYS A 758 -0.62 9.60 -24.33
N LYS A 759 -0.33 9.30 -25.59
CA LYS A 759 -0.46 10.32 -26.62
C LYS A 759 -1.86 10.89 -26.60
N GLY A 760 -1.96 12.20 -26.75
CA GLY A 760 -3.23 12.89 -26.72
C GLY A 760 -3.27 14.03 -25.74
N PHE A 761 -2.32 14.13 -24.83
CA PHE A 761 -2.20 15.32 -24.02
C PHE A 761 -1.95 16.50 -24.93
N SER A 762 -2.44 17.66 -24.54
CA SER A 762 -2.28 18.84 -25.37
C SER A 762 -2.15 20.07 -24.51
N GLY A 763 -1.19 20.90 -24.86
CA GLY A 763 -1.13 22.24 -24.29
C GLY A 763 -1.07 22.15 -22.79
N ASP A 764 -2.09 22.70 -22.15
CA ASP A 764 -2.02 22.90 -20.71
C ASP A 764 -1.94 21.57 -19.97
N HIS A 765 -2.61 20.54 -20.49
CA HIS A 765 -2.69 19.28 -19.76
C HIS A 765 -1.32 18.78 -19.38
N LYS A 766 -0.38 18.79 -20.32
CA LYS A 766 0.97 18.39 -19.98
C LYS A 766 1.55 19.33 -18.95
N LEU A 767 1.29 20.62 -19.13
CA LEU A 767 1.88 21.60 -18.25
C LEU A 767 1.47 21.36 -16.81
N LEU A 768 0.29 20.81 -16.59
CA LEU A 768 -0.14 20.55 -15.23
C LEU A 768 0.71 19.47 -14.59
N ILE A 769 1.00 18.41 -15.33
CA ILE A 769 1.88 17.39 -14.76
C ILE A 769 3.23 17.99 -14.44
N THR A 770 3.78 18.75 -15.38
CA THR A 770 5.10 19.32 -15.11
C THR A 770 5.09 20.20 -13.87
N THR A 771 4.09 21.06 -13.75
CA THR A 771 4.05 21.93 -12.59
C THR A 771 3.92 21.14 -11.30
N ALA A 772 3.04 20.14 -11.25
CA ALA A 772 2.91 19.37 -10.03
C ALA A 772 4.22 18.67 -9.68
N LEU A 773 4.95 18.22 -10.69
CA LEU A 773 6.26 17.63 -10.43
C LEU A 773 7.20 18.63 -9.79
N SER A 774 7.24 19.85 -10.31
CA SER A 774 8.08 20.84 -9.69
C SER A 774 7.63 21.11 -8.26
N ASP A 775 6.32 21.09 -8.02
CA ASP A 775 5.84 21.26 -6.66
C ASP A 775 6.42 20.20 -5.74
N ILE A 776 6.40 18.95 -6.15
CA ILE A 776 7.06 17.96 -5.30
C ILE A 776 8.52 18.32 -5.08
N ARG A 777 9.21 18.80 -6.11
CA ARG A 777 10.61 19.13 -5.90
C ARG A 777 10.78 20.15 -4.79
N ASP A 778 9.98 21.21 -4.81
CA ASP A 778 10.18 22.26 -3.82
C ASP A 778 10.03 21.70 -2.41
N GLY A 779 9.08 20.79 -2.21
CA GLY A 779 9.01 20.05 -0.98
C GLY A 779 7.69 20.10 -0.23
N LEU A 780 6.58 20.35 -0.92
CA LEU A 780 5.33 20.58 -0.21
C LEU A 780 4.67 19.30 0.25
N TYR A 781 4.88 18.18 -0.41
CA TYR A 781 4.24 16.97 0.03
C TYR A 781 5.29 15.99 0.50
N PRO A 782 5.21 15.51 1.73
CA PRO A 782 6.24 14.59 2.21
C PRO A 782 5.79 13.15 2.02
N LEU A 783 6.61 12.37 1.33
CA LEU A 783 6.31 10.98 1.11
C LEU A 783 6.31 10.27 2.45
N GLY A 784 5.25 9.53 2.73
CA GLY A 784 5.28 8.64 3.87
C GLY A 784 4.29 9.07 4.94
N SER A 785 4.59 8.67 6.16
CA SER A 785 3.71 8.96 7.28
C SER A 785 4.34 10.01 8.17
N LYS A 786 3.65 10.30 9.27
CA LYS A 786 4.16 11.19 10.29
C LYS A 786 4.83 12.41 9.68
N GLY A 787 4.28 12.88 8.57
CA GLY A 787 4.91 13.99 7.89
C GLY A 787 5.07 15.20 8.77
N GLY A 788 4.22 15.31 9.79
CA GLY A 788 4.24 16.52 10.59
C GLY A 788 5.54 16.72 11.33
N VAL A 789 6.01 15.70 12.04
CA VAL A 789 7.12 15.91 12.94
C VAL A 789 8.46 15.71 12.27
N GLY A 790 8.50 15.64 10.95
CA GLY A 790 9.79 15.68 10.29
C GLY A 790 10.03 14.58 9.29
N TYR A 791 9.48 13.40 9.53
CA TYR A 791 9.78 12.25 8.70
C TYR A 791 9.42 12.50 7.26
N GLY A 792 10.40 12.37 6.39
CA GLY A 792 10.12 12.19 4.99
C GLY A 792 10.03 13.43 4.14
N TRP A 793 10.90 14.40 4.33
CA TRP A 793 10.87 15.49 3.39
C TRP A 793 11.63 15.11 2.13
N VAL A 794 11.81 16.08 1.23
CA VAL A 794 12.53 15.85 -0.01
C VAL A 794 13.51 16.98 -0.23
N ALA A 795 14.42 16.79 -1.17
CA ALA A 795 15.42 17.80 -1.41
C ALA A 795 15.93 17.88 -2.84
N GLY A 796 15.34 17.17 -3.79
CA GLY A 796 15.85 17.23 -5.14
C GLY A 796 15.11 16.33 -6.09
N ILE A 797 15.19 16.69 -7.37
CA ILE A 797 14.72 15.88 -8.48
C ILE A 797 15.76 15.98 -9.56
N SER A 798 16.06 14.88 -10.21
CA SER A 798 17.09 14.86 -11.24
C SER A 798 16.56 14.08 -12.43
N ILE A 799 15.82 14.75 -13.31
CA ILE A 799 15.25 14.08 -14.47
C ILE A 799 16.39 13.58 -15.33
N ASP A 800 16.31 12.34 -15.76
CA ASP A 800 17.45 11.71 -16.41
C ASP A 800 17.67 12.31 -17.80
N ASP A 801 18.59 11.70 -18.54
CA ASP A 801 18.96 12.25 -19.83
C ASP A 801 17.98 11.85 -20.92
N ASN A 802 17.44 10.64 -20.84
CA ASN A 802 16.57 10.13 -21.90
C ASN A 802 15.11 10.23 -21.46
N VAL A 803 14.55 11.43 -21.65
CA VAL A 803 13.12 11.64 -21.50
C VAL A 803 12.65 12.47 -22.69
N PRO A 804 11.34 12.53 -22.91
CA PRO A 804 10.83 13.47 -23.91
C PRO A 804 11.16 14.91 -23.56
N ASP A 805 11.78 15.61 -24.51
CA ASP A 805 12.36 16.91 -24.23
C ASP A 805 11.36 17.90 -23.66
N ASP A 806 10.07 17.68 -23.91
CA ASP A 806 9.06 18.62 -23.45
C ASP A 806 9.05 18.74 -21.93
N PHE A 807 9.11 17.60 -21.23
CA PHE A 807 9.17 17.66 -19.78
C PHE A 807 10.46 18.31 -19.32
N LYS A 808 11.58 17.97 -19.95
CA LYS A 808 12.85 18.57 -19.57
C LYS A 808 12.76 20.09 -19.62
N GLU A 809 12.21 20.62 -20.71
CA GLU A 809 12.11 22.07 -20.85
C GLU A 809 11.13 22.65 -19.84
N MET A 810 9.91 22.12 -19.78
CA MET A 810 8.90 22.74 -18.93
C MET A 810 9.24 22.62 -17.45
N ILE A 811 10.15 21.71 -17.07
CA ILE A 811 10.60 21.69 -15.70
C ILE A 811 11.83 22.58 -15.54
N ASN A 812 12.62 22.74 -16.60
CA ASN A 812 13.77 23.62 -16.50
C ASN A 812 13.36 25.08 -16.39
N LYS A 813 12.21 25.44 -16.97
CA LYS A 813 11.74 26.82 -16.88
C LYS A 813 11.51 27.22 -15.43
N THR A 814 10.90 26.34 -14.64
CA THR A 814 10.63 26.63 -13.24
C THR A 814 11.89 26.37 -12.45
N GLU A 815 12.79 27.35 -12.48
CA GLU A 815 14.06 27.32 -11.77
C GLU A 815 14.93 26.16 -12.21
N ALA A 816 19.25 38.04 6.25
CA ALA A 816 19.79 39.37 5.99
C ALA A 816 19.09 40.41 6.86
N ALA A 817 18.22 39.93 7.74
CA ALA A 817 17.40 40.80 8.60
C ALA A 817 16.73 39.91 9.66
N ALA A 818 15.61 40.39 10.18
CA ALA A 818 14.74 39.63 11.08
C ALA A 818 15.52 39.20 12.32
N ALA A 819 15.97 40.22 13.04
CA ALA A 819 16.77 40.08 14.26
C ALA A 819 15.86 40.00 15.48
N ALA A 820 16.44 40.27 16.64
CA ALA A 820 15.72 40.21 17.90
C ALA A 820 14.57 41.20 17.94
N ALA A 821 13.82 41.17 19.04
CA ALA A 821 12.62 41.98 19.14
C ALA A 821 12.74 43.12 20.15
N ALA A 822 13.62 43.00 21.14
CA ALA A 822 13.76 44.00 22.20
C ALA A 822 12.46 44.17 23.00
N ALA A 823 12.13 43.13 23.78
CA ALA A 823 10.98 43.21 24.68
C ALA A 823 11.39 43.57 26.09
N ALA A 824 12.40 42.90 26.65
CA ALA A 824 12.92 43.21 27.98
C ALA A 824 11.82 43.10 29.04
N ALA A 825 11.46 41.85 29.35
CA ALA A 825 10.20 41.50 30.00
C ALA A 825 9.87 42.22 31.30
N ALA A 826 10.62 43.27 31.63
CA ALA A 826 10.37 44.15 32.77
C ALA A 826 10.37 43.40 34.10
N ALA A 827 10.57 42.08 34.07
CA ALA A 827 10.53 41.25 35.27
C ALA A 827 11.94 41.03 35.79
N ALA A 828 12.48 42.08 36.40
CA ALA A 828 13.91 42.13 36.67
C ALA A 828 14.14 42.90 37.96
N ALA A 829 15.38 43.37 38.14
CA ALA A 829 15.84 44.09 39.33
C ALA A 829 16.00 43.16 40.54
N ALA A 830 16.86 42.16 40.40
CA ALA A 830 17.43 41.30 41.45
C ALA A 830 16.55 40.12 41.86
N ALA A 831 15.36 39.95 41.29
CA ALA A 831 14.46 38.84 41.64
C ALA A 831 14.09 38.84 43.11
N ALA A 832 14.27 39.99 43.78
CA ALA A 832 14.06 40.20 45.21
C ALA A 832 15.04 39.40 46.07
N ALA A 833 16.17 38.95 45.51
CA ALA A 833 17.08 38.11 46.27
C ALA A 833 17.97 38.91 47.19
N ALA A 834 18.49 40.04 46.70
CA ALA A 834 19.50 40.84 47.38
C ALA A 834 20.80 40.06 47.63
N LYS A 835 20.98 38.96 46.88
CA LYS A 835 22.25 38.25 46.78
C LYS A 835 22.60 37.46 48.03
N ASN A 836 21.80 37.60 49.10
CA ASN A 836 22.11 36.90 50.34
C ASN A 836 22.00 35.39 50.15
N LYS A 837 20.77 34.93 50.01
CA LYS A 837 20.45 33.53 49.82
C LYS A 837 18.95 33.43 49.68
N ASN A 838 18.46 32.59 48.80
CA ASN A 838 17.05 32.26 48.82
C ASN A 838 16.86 30.98 48.03
N ILE A 839 16.60 29.88 48.73
CA ILE A 839 16.36 28.65 48.02
C ILE A 839 14.97 28.70 47.44
N TYR A 840 14.86 28.68 46.13
CA TYR A 840 13.56 28.64 45.50
C TYR A 840 13.15 27.19 45.32
N TYR A 841 12.19 26.97 44.50
CA TYR A 841 11.72 25.65 44.17
C TYR A 841 11.88 25.44 42.68
N PRO A 842 12.20 24.27 42.22
CA PRO A 842 12.56 24.14 40.81
C PRO A 842 11.41 24.41 39.87
N HIS A 843 10.22 23.86 40.14
CA HIS A 843 9.11 23.91 39.19
C HIS A 843 7.94 24.68 39.79
N TYR A 844 7.32 25.51 38.99
CA TYR A 844 6.21 26.29 39.49
C TYR A 844 4.99 26.05 38.63
N PHE A 845 3.82 26.23 39.21
CA PHE A 845 2.63 26.00 38.44
C PHE A 845 2.16 27.29 37.82
N LEU A 846 1.26 27.16 36.86
CA LEU A 846 0.69 28.30 36.18
C LEU A 846 -0.80 28.09 36.11
N ASP A 847 -1.56 29.05 36.60
CA ASP A 847 -3.01 29.02 36.54
C ASP A 847 -3.48 29.87 35.36
N SER A 848 -4.42 29.35 34.60
CA SER A 848 -4.76 29.96 33.32
C SER A 848 -6.24 30.20 33.19
N GLY A 849 -6.86 30.79 34.21
CA GLY A 849 -8.26 31.14 34.06
C GLY A 849 -9.13 29.92 33.79
N SER A 850 -10.29 30.15 33.22
CA SER A 850 -11.05 28.97 32.88
C SER A 850 -11.71 29.02 31.50
N LYS A 851 -12.27 30.16 31.11
CA LYS A 851 -13.05 30.19 29.87
C LYS A 851 -12.14 29.88 28.69
N VAL A 852 -12.75 29.45 27.60
CA VAL A 852 -12.02 29.06 26.39
C VAL A 852 -12.83 29.53 25.19
N TYR A 853 -12.14 29.95 24.13
CA TYR A 853 -12.85 30.28 22.91
C TYR A 853 -12.83 29.10 21.96
N ARG A 854 -13.75 29.10 21.02
CA ARG A 854 -13.87 27.98 20.10
C ARG A 854 -14.47 28.47 18.81
N GLU A 855 -14.10 27.84 17.70
CA GLU A 855 -14.64 28.19 16.40
C GLU A 855 -15.36 26.97 15.84
N LYS A 856 -16.65 27.13 15.53
CA LYS A 856 -17.41 26.00 15.02
C LYS A 856 -16.92 25.58 13.65
N ASP A 857 -17.06 26.45 12.67
CA ASP A 857 -16.56 26.17 11.34
C ASP A 857 -15.06 25.98 11.39
N ILE A 858 -14.51 25.32 10.38
CA ILE A 858 -13.10 24.97 10.38
C ILE A 858 -12.51 25.32 9.02
N ILE A 859 -11.22 25.67 9.00
CA ILE A 859 -10.57 25.95 7.73
C ILE A 859 -10.20 24.65 7.05
N THR A 860 -10.56 24.54 5.78
CA THR A 860 -10.50 23.31 5.03
C THR A 860 -9.09 23.00 4.57
N HIS A 861 -8.95 21.90 3.82
CA HIS A 861 -7.70 21.56 3.16
C HIS A 861 -7.88 21.28 1.68
N GLU A 862 -9.05 21.57 1.12
CA GLU A 862 -9.26 21.34 -0.30
C GLU A 862 -8.24 22.10 -1.12
N GLU A 863 -8.27 23.41 -1.03
CA GLU A 863 -7.56 24.23 -1.98
C GLU A 863 -6.69 25.24 -1.24
N PHE A 864 -5.70 25.77 -1.94
CA PHE A 864 -4.88 26.83 -1.38
C PHE A 864 -5.70 28.10 -1.47
N THR A 865 -6.41 28.40 -0.39
CA THR A 865 -7.31 29.54 -0.39
C THR A 865 -6.54 30.83 -0.52
N GLU A 866 -7.19 31.87 -1.03
CA GLU A 866 -6.44 33.04 -1.42
C GLU A 866 -6.18 33.96 -0.23
N GLU A 867 -7.15 34.15 0.64
CA GLU A 867 -6.99 35.14 1.69
C GLU A 867 -6.11 34.66 2.81
N LEU A 868 -5.50 33.50 2.69
CA LEU A 868 -4.56 33.03 3.67
C LEU A 868 -3.21 32.90 2.98
N LEU A 869 -2.16 32.64 3.74
CA LEU A 869 -0.81 32.60 3.21
C LEU A 869 -0.06 31.36 3.68
N SER A 870 1.04 31.06 3.02
CA SER A 870 1.75 29.80 3.21
C SER A 870 3.22 29.94 2.87
N GLY A 871 4.09 29.38 3.70
CA GLY A 871 5.51 29.51 3.43
C GLY A 871 6.37 28.62 4.30
N LYS A 872 7.64 29.01 4.42
CA LYS A 872 8.57 28.31 5.28
C LYS A 872 9.36 29.33 6.08
N ILE A 873 9.95 28.88 7.17
CA ILE A 873 10.70 29.76 8.07
C ILE A 873 12.02 29.08 8.38
N ASN A 874 13.12 29.83 8.28
CA ASN A 874 14.42 29.30 8.64
C ASN A 874 14.96 29.96 9.91
N CYS A 875 15.17 29.15 10.93
CA CYS A 875 15.60 29.63 12.24
C CYS A 875 16.87 28.91 12.67
N LYS A 876 17.61 29.54 13.58
CA LYS A 876 18.81 28.99 14.16
C LYS A 876 18.63 28.85 15.65
N LEU A 877 19.15 27.78 16.23
CA LEU A 877 18.90 27.40 17.61
C LEU A 877 20.22 27.40 18.35
N GLU A 878 20.40 28.31 19.29
CA GLU A 878 21.67 28.43 19.99
C GLU A 878 21.55 28.01 21.43
N THR A 879 22.43 27.14 21.88
CA THR A 879 22.38 26.64 23.25
C THR A 879 22.89 27.69 24.22
N LEU A 880 22.36 27.66 25.45
CA LEU A 880 22.83 28.54 26.52
C LEU A 880 23.39 27.82 27.73
N THR A 881 23.18 26.53 27.85
CA THR A 881 23.48 25.82 29.06
C THR A 881 23.49 24.39 28.58
N PRO A 882 24.34 23.56 29.09
CA PRO A 882 24.49 22.21 28.56
C PRO A 882 23.19 21.54 28.14
N LEU A 883 23.24 20.80 27.04
CA LEU A 883 22.08 20.20 26.42
C LEU A 883 22.20 18.69 26.46
N ILE A 884 21.07 17.98 26.45
CA ILE A 884 21.06 16.52 26.48
C ILE A 884 19.83 16.02 25.75
N ILE A 885 20.01 15.12 24.79
CA ILE A 885 18.88 14.40 24.21
C ILE A 885 19.33 12.97 23.91
N PRO A 886 19.21 12.05 24.83
CA PRO A 886 19.90 10.78 24.66
C PRO A 886 19.34 10.01 23.49
N ASP A 887 20.23 9.27 22.82
CA ASP A 887 19.84 8.33 21.77
C ASP A 887 19.37 7.04 22.40
N THR A 888 18.07 6.83 22.42
CA THR A 888 17.52 5.77 23.23
C THR A 888 17.65 4.38 22.65
N SER A 889 18.12 4.23 21.42
CA SER A 889 18.12 2.90 20.83
C SER A 889 19.06 1.99 21.60
N ASP A 890 20.33 2.36 21.67
CA ASP A 890 21.37 1.53 22.24
C ASP A 890 21.61 1.95 23.69
N GLU A 891 21.30 1.06 24.62
CA GLU A 891 21.45 1.34 26.03
C GLU A 891 22.81 0.97 26.56
N ASN A 892 23.78 0.77 25.70
CA ASN A 892 25.11 0.41 26.17
C ASN A 892 26.15 1.09 25.32
N GLY A 893 25.84 2.30 24.85
CA GLY A 893 26.66 2.92 23.83
C GLY A 893 28.11 3.08 24.23
N LEU A 894 28.35 3.62 25.41
CA LEU A 894 29.71 3.86 25.85
C LEU A 894 30.40 2.63 26.42
N LYS A 895 29.75 1.47 26.40
CA LYS A 895 30.34 0.20 26.86
C LYS A 895 30.67 0.21 28.34
N LEU A 896 29.92 0.96 29.14
CA LEU A 896 30.24 1.03 30.56
C LEU A 896 29.61 -0.09 31.36
N GLN A 897 28.76 -0.91 30.78
CA GLN A 897 28.29 -2.07 31.50
C GLN A 897 29.37 -3.12 31.63
N GLY A 898 30.58 -2.83 31.16
CA GLY A 898 31.70 -3.72 31.35
C GLY A 898 32.29 -3.67 32.73
N ASN A 899 31.87 -2.72 33.55
CA ASN A 899 32.28 -2.74 34.94
C ASN A 899 31.13 -2.59 35.92
N LYS A 900 30.18 -1.70 35.67
CA LYS A 900 29.10 -1.43 36.61
C LYS A 900 27.78 -1.89 35.99
N PRO A 901 27.44 -3.16 36.07
CA PRO A 901 26.29 -3.67 35.33
C PRO A 901 24.98 -3.13 35.85
N GLY A 902 24.00 -3.08 34.94
CA GLY A 902 22.70 -2.51 35.24
C GLY A 902 22.66 -1.00 35.23
N HIS A 903 23.71 -0.35 34.76
CA HIS A 903 23.86 1.11 34.83
C HIS A 903 23.81 1.68 33.43
N LYS A 904 22.64 2.10 32.99
CA LYS A 904 22.45 2.51 31.61
C LYS A 904 23.45 3.59 31.23
N ASN A 905 23.63 3.80 29.94
CA ASN A 905 24.34 4.96 29.43
C ASN A 905 24.04 5.11 27.96
N TYR A 906 24.17 6.32 27.45
CA TYR A 906 23.73 6.63 26.11
C TYR A 906 24.79 7.47 25.42
N LYS A 907 24.58 7.74 24.15
CA LYS A 907 25.36 8.76 23.44
C LYS A 907 24.40 9.71 22.75
N PHE A 908 24.87 10.92 22.53
CA PHE A 908 24.01 11.97 22.01
C PHE A 908 23.41 11.58 20.67
N PHE A 909 22.16 11.97 20.45
CA PHE A 909 21.39 11.49 19.31
C PHE A 909 22.09 11.79 18.01
N ASN A 910 22.51 10.76 17.30
CA ASN A 910 23.23 11.04 16.07
C ASN A 910 22.81 10.06 15.00
N ILE A 911 22.77 10.55 13.77
CA ILE A 911 22.40 9.76 12.60
C ILE A 911 23.61 9.69 11.68
N ASN A 912 24.17 8.51 11.53
CA ASN A 912 25.34 8.32 10.68
C ASN A 912 26.48 9.23 11.09
N GLY A 913 26.53 9.59 12.36
CA GLY A 913 27.60 10.44 12.83
C GLY A 913 27.44 11.91 12.50
N GLU A 914 26.23 12.44 12.57
CA GLU A 914 26.01 13.88 12.47
C GLU A 914 25.06 14.28 13.59
N LEU A 915 25.55 15.09 14.53
CA LEU A 915 24.70 15.52 15.61
C LEU A 915 23.42 16.10 15.04
N MET A 916 22.31 15.88 15.73
CA MET A 916 21.03 16.20 15.14
C MET A 916 19.98 16.05 16.22
N ILE A 917 19.01 16.94 16.26
CA ILE A 917 17.97 16.92 17.28
C ILE A 917 16.69 16.39 16.67
N PRO A 918 16.04 15.39 17.27
CA PRO A 918 14.79 14.91 16.71
C PRO A 918 13.81 16.04 16.66
N GLY A 919 12.88 15.97 15.71
CA GLY A 919 11.98 17.09 15.49
C GLY A 919 10.74 17.05 16.34
N SER A 920 10.22 15.86 16.62
CA SER A 920 9.06 15.77 17.49
C SER A 920 9.25 16.57 18.75
N GLU A 921 10.48 16.64 19.25
CA GLU A 921 10.73 17.39 20.47
C GLU A 921 10.46 18.86 20.27
N LEU A 922 10.90 19.40 19.15
CA LEU A 922 10.58 20.78 18.89
C LEU A 922 9.08 20.97 18.80
N ARG A 923 8.37 20.04 18.16
CA ARG A 923 6.93 20.21 18.07
C ARG A 923 6.30 20.23 19.45
N GLY A 924 6.68 19.30 20.29
CA GLY A 924 6.10 19.26 21.61
C GLY A 924 6.37 20.53 22.39
N MET A 925 7.61 20.98 22.41
CA MET A 925 7.91 22.15 23.22
C MET A 925 7.13 23.36 22.72
N LEU A 926 7.19 23.61 21.42
CA LEU A 926 6.44 24.75 20.90
C LEU A 926 4.96 24.61 21.19
N ARG A 927 4.44 23.39 21.19
CA ARG A 927 3.00 23.24 21.40
C ARG A 927 2.64 23.56 22.83
N THR A 928 3.43 23.12 23.78
CA THR A 928 3.09 23.47 25.15
C THR A 928 3.15 24.97 25.33
N HIS A 929 4.18 25.60 24.79
CA HIS A 929 4.25 27.05 24.95
C HIS A 929 3.04 27.73 24.32
N PHE A 930 2.69 27.34 23.10
CA PHE A 930 1.57 27.98 22.43
C PHE A 930 0.27 27.81 23.21
N GLU A 931 -0.01 26.58 23.63
CA GLU A 931 -1.20 26.37 24.41
C GLU A 931 -1.23 27.32 25.59
N ALA A 932 -0.21 27.28 26.43
CA ALA A 932 -0.27 28.11 27.62
C ALA A 932 -0.45 29.57 27.25
N LEU A 933 0.08 29.99 26.12
CA LEU A 933 0.01 31.40 25.78
C LEU A 933 -1.40 31.80 25.39
N THR A 934 -2.06 31.01 24.57
CA THR A 934 -3.31 31.44 23.97
C THR A 934 -4.54 31.00 24.74
N LYS A 935 -4.38 30.46 25.94
CA LYS A 935 -5.49 30.06 26.79
C LYS A 935 -6.32 28.97 26.12
N SER A 936 -5.68 27.87 25.77
CA SER A 936 -6.35 26.77 25.11
C SER A 936 -6.57 25.63 26.10
N CYS A 937 -6.90 24.46 25.57
CA CYS A 937 -7.34 23.32 26.35
C CYS A 937 -6.19 22.39 26.70
N PHE A 938 -6.34 21.67 27.81
CA PHE A 938 -5.37 20.65 28.17
C PHE A 938 -5.41 19.56 27.12
N ALA A 939 -4.32 19.39 26.39
CA ALA A 939 -4.34 18.41 25.32
C ALA A 939 -4.26 16.99 25.85
N ILE A 940 -3.18 16.67 26.55
CA ILE A 940 -2.89 15.31 26.95
C ILE A 940 -2.96 15.26 28.46
N PHE A 941 -4.04 14.69 28.99
CA PHE A 941 -4.33 14.75 30.41
C PHE A 941 -5.00 13.46 30.84
N GLY A 942 -4.57 12.93 31.98
CA GLY A 942 -5.08 11.64 32.40
C GLY A 942 -6.38 11.73 33.16
N GLU A 943 -7.50 11.59 32.46
CA GLU A 943 -8.80 11.85 33.08
C GLU A 943 -9.11 10.83 34.16
N ASP A 944 -8.78 9.58 33.92
CA ASP A 944 -9.12 8.51 34.85
C ASP A 944 -7.92 8.26 35.75
N SER A 945 -7.91 8.90 36.91
CA SER A 945 -6.87 8.69 37.89
C SER A 945 -7.40 9.17 39.22
N THR A 946 -7.19 8.38 40.25
CA THR A 946 -7.64 8.74 41.59
C THR A 946 -6.44 9.08 42.44
N LEU A 947 -6.62 9.96 43.41
CA LEU A 947 -5.57 10.25 44.36
C LEU A 947 -6.08 9.92 45.75
N SER A 948 -5.17 9.86 46.70
CA SER A 948 -5.50 9.49 48.08
C SER A 948 -4.56 10.23 49.01
N TRP A 949 -5.01 11.35 49.57
CA TRP A 949 -4.26 11.97 50.65
C TRP A 949 -4.03 10.96 51.77
N ARG A 950 -3.03 11.21 52.60
CA ARG A 950 -2.80 10.33 53.74
C ARG A 950 -2.45 11.10 55.01
N ARG A 951 -6.74 7.58 55.30
CA ARG A 951 -6.71 7.54 53.84
C ARG A 951 -7.94 8.18 53.22
N LYS A 952 -8.02 9.51 53.31
CA LYS A 952 -9.13 10.22 52.71
C LYS A 952 -9.10 9.98 51.20
N CYS A 953 -9.98 9.11 50.73
CA CYS A 953 -9.94 8.71 49.34
C CYS A 953 -10.54 9.81 48.46
N ALA A 954 -10.50 9.60 47.16
CA ALA A 954 -10.96 10.61 46.22
C ALA A 954 -12.48 10.58 46.13
N SER A 955 -13.11 11.70 46.49
CA SER A 955 -14.54 11.85 46.21
C SER A 955 -14.80 11.76 44.71
N LYS A 956 -14.02 12.48 43.93
CA LYS A 956 -14.07 12.40 42.49
C LYS A 956 -12.63 12.30 41.97
N THR A 957 -12.46 11.49 40.93
CA THR A 957 -11.16 11.39 40.30
C THR A 957 -10.79 12.72 39.64
N LEU A 958 -9.55 12.83 39.17
CA LEU A 958 -9.09 14.09 38.60
C LEU A 958 -9.99 14.56 37.47
N GLY A 959 -10.72 13.66 36.83
CA GLY A 959 -11.73 14.07 35.89
C GLY A 959 -12.93 14.73 36.53
N GLY A 960 -12.91 14.94 37.83
CA GLY A 960 -13.98 15.65 38.50
C GLY A 960 -13.53 17.00 39.02
N LYS A 961 -12.28 17.11 39.45
CA LYS A 961 -11.79 18.39 39.92
C LYS A 961 -11.68 19.37 38.76
N LEU A 962 -11.17 18.91 37.64
CA LEU A 962 -10.96 19.79 36.50
C LEU A 962 -12.29 20.30 35.97
N ASP A 963 -12.34 21.59 35.67
CA ASP A 963 -13.53 22.15 35.06
C ASP A 963 -13.87 21.39 33.80
N LYS A 964 -15.16 21.39 33.46
CA LYS A 964 -15.56 20.73 32.23
C LYS A 964 -15.10 21.48 31.01
N ALA A 965 -14.94 22.80 31.11
CA ALA A 965 -14.68 23.57 29.90
C ALA A 965 -13.29 23.34 29.36
N LEU A 966 -12.39 22.74 30.15
CA LEU A 966 -11.02 22.52 29.72
C LEU A 966 -10.75 21.08 29.30
N HIS A 967 -11.74 20.21 29.35
CA HIS A 967 -11.52 18.83 28.94
C HIS A 967 -11.08 18.79 27.48
N PRO A 968 -10.40 17.72 27.08
CA PRO A 968 -9.83 17.69 25.73
C PRO A 968 -10.91 17.85 24.66
N CYS A 969 -10.53 18.53 23.58
CA CYS A 969 -11.42 18.74 22.45
C CYS A 969 -11.77 17.42 21.79
N THR A 970 -13.06 17.10 21.71
CA THR A 970 -13.44 15.74 21.34
C THR A 970 -13.77 15.59 19.86
N GLY A 971 -14.90 16.13 19.42
CA GLY A 971 -15.41 15.89 18.09
C GLY A 971 -15.44 17.18 17.27
N LEU A 972 -15.81 17.03 16.01
CA LEU A 972 -15.81 18.20 15.15
C LEU A 972 -17.03 19.07 15.33
N SER A 973 -17.98 18.64 16.15
CA SER A 973 -19.24 19.37 16.28
C SER A 973 -19.22 20.37 17.42
N ASP A 974 -18.58 20.04 18.53
CA ASP A 974 -18.61 20.94 19.67
C ASP A 974 -17.75 22.16 19.44
N GLY A 975 -16.67 22.03 18.68
CA GLY A 975 -15.78 23.12 18.40
C GLY A 975 -14.34 22.68 18.38
N LEU A 976 -13.47 23.62 18.04
CA LEU A 976 -12.04 23.36 18.03
C LEU A 976 -11.31 24.52 18.67
N CYS A 977 -10.56 24.24 19.73
CA CYS A 977 -9.93 25.30 20.48
C CYS A 977 -8.70 25.81 19.75
N PRO A 978 -8.38 27.09 19.88
CA PRO A 978 -7.34 27.66 19.03
C PRO A 978 -6.04 26.94 19.12
N GLY A 979 -5.76 26.27 20.24
CA GLY A 979 -4.58 25.44 20.26
C GLY A 979 -4.68 24.29 19.29
N CYS A 980 -5.68 23.44 19.47
CA CYS A 980 -5.86 22.31 18.58
C CYS A 980 -6.18 22.72 17.16
N HIS A 981 -6.49 23.98 16.93
CA HIS A 981 -6.88 24.37 15.58
C HIS A 981 -5.69 24.52 14.69
N LEU A 982 -4.50 24.55 15.26
CA LEU A 982 -3.30 24.77 14.48
C LEU A 982 -2.42 23.54 14.46
N PHE A 983 -2.28 22.87 15.59
CA PHE A 983 -1.41 21.72 15.68
C PHE A 983 -2.14 20.42 15.44
N GLY A 984 -3.37 20.45 14.97
CA GLY A 984 -4.06 19.26 14.57
C GLY A 984 -4.53 18.38 15.73
N THR A 985 -5.49 17.53 15.44
CA THR A 985 -6.08 16.65 16.42
C THR A 985 -6.59 15.41 15.70
N THR A 986 -7.03 14.41 16.48
CA THR A 986 -7.28 13.09 15.93
C THR A 986 -8.05 13.12 14.63
N ASP A 987 -8.94 14.09 14.47
CA ASP A 987 -9.78 14.13 13.29
C ASP A 987 -9.64 15.43 12.54
N TYR A 988 -8.44 16.02 12.54
CA TYR A 988 -8.19 17.20 11.72
C TYR A 988 -6.69 17.41 11.65
N LYS A 989 -6.09 17.15 10.51
CA LYS A 989 -4.64 17.18 10.38
C LYS A 989 -4.11 18.57 10.63
N GLY A 990 -2.91 18.65 11.19
CA GLY A 990 -2.34 19.93 11.53
C GLY A 990 -1.91 20.73 10.33
N ARG A 991 -1.65 22.00 10.56
CA ARG A 991 -1.21 22.89 9.51
C ARG A 991 0.18 23.44 9.77
N VAL A 992 0.98 22.73 10.54
CA VAL A 992 2.32 23.14 10.87
C VAL A 992 3.21 21.93 10.89
N LYS A 993 4.27 21.95 10.12
CA LYS A 993 5.14 20.81 9.94
C LYS A 993 6.55 21.21 10.35
N PHE A 994 7.06 20.61 11.42
CA PHE A 994 8.38 20.97 11.89
C PHE A 994 9.42 20.19 11.11
N GLY A 995 10.68 20.24 11.51
CA GLY A 995 11.67 19.47 10.80
C GLY A 995 12.89 19.24 11.66
N PHE A 996 13.60 18.15 11.36
CA PHE A 996 14.81 17.83 12.10
C PHE A 996 15.77 19.02 12.06
N ALA A 997 16.74 19.03 12.95
CA ALA A 997 17.71 20.11 13.04
C ALA A 997 19.09 19.59 12.75
N LYS A 998 19.88 20.32 11.98
CA LYS A 998 21.18 19.86 11.56
C LYS A 998 22.20 20.37 12.57
N TYR A 999 23.50 20.35 12.25
CA TYR A 999 24.50 20.87 13.17
C TYR A 999 25.55 21.68 12.43
N GLU A 1000 26.21 22.57 13.19
CA GLU A 1000 27.02 23.67 12.68
C GLU A 1000 28.13 24.04 13.67
N ASN A 1001 28.47 25.33 13.75
CA ASN A 1001 29.63 25.90 14.43
C ASN A 1001 29.94 25.40 15.83
N GLY A 1002 30.99 25.95 16.44
CA GLY A 1002 31.92 25.20 17.25
C GLY A 1002 31.52 24.85 18.67
N PRO A 1003 32.33 25.23 19.65
CA PRO A 1003 32.75 24.29 20.71
C PRO A 1003 31.75 23.20 21.04
N GLU A 1004 32.19 21.93 20.99
CA GLU A 1004 31.27 20.80 20.91
C GLU A 1004 31.01 20.12 22.24
N TRP A 1005 32.01 19.45 22.81
CA TRP A 1005 31.78 18.56 23.94
C TRP A 1005 32.25 19.24 25.20
N LEU A 1006 31.50 19.05 26.28
CA LEU A 1006 31.87 19.68 27.55
C LEU A 1006 32.93 18.85 28.24
N ILE A 1007 34.20 19.18 28.03
CA ILE A 1007 35.32 18.37 28.48
C ILE A 1007 35.49 18.51 29.98
N THR A 1008 35.49 17.38 30.68
CA THR A 1008 35.67 17.30 32.12
C THR A 1008 36.94 16.51 32.40
N ARG A 1009 37.36 16.47 33.66
CA ARG A 1009 38.66 15.85 33.95
C ARG A 1009 38.59 14.57 34.75
N GLY A 1010 37.69 14.46 35.72
CA GLY A 1010 37.64 13.25 36.52
C GLY A 1010 37.07 12.08 35.75
N ASN A 1011 36.05 12.34 34.94
CA ASN A 1011 35.27 11.29 34.35
C ASN A 1011 36.12 10.42 33.44
N ASN A 1012 35.63 9.22 33.18
CA ASN A 1012 36.38 8.29 32.37
C ASN A 1012 36.05 8.37 30.88
N PRO A 1013 34.79 8.53 30.48
CA PRO A 1013 34.54 8.87 29.08
C PRO A 1013 35.01 10.25 28.73
N GLU A 1014 35.35 11.08 29.72
CA GLU A 1014 35.94 12.40 29.55
C GLU A 1014 35.05 13.37 28.82
N ARG A 1015 33.83 13.02 28.56
CA ARG A 1015 32.93 14.00 27.98
C ARG A 1015 31.53 13.84 28.51
N SER A 1016 31.33 13.02 29.52
CA SER A 1016 29.99 12.65 29.96
C SER A 1016 29.81 12.97 31.43
N LEU A 1017 28.56 13.22 31.79
CA LEU A 1017 28.22 13.57 33.17
C LEU A 1017 27.29 12.53 33.76
N THR A 1018 27.41 12.27 35.06
CA THR A 1018 26.58 11.30 35.73
C THR A 1018 25.40 12.01 36.37
N LEU A 1019 24.22 11.85 35.81
CA LEU A 1019 23.08 12.56 36.38
C LEU A 1019 22.73 12.02 37.75
N GLY A 1020 22.07 12.85 38.53
CA GLY A 1020 21.62 12.43 39.84
C GLY A 1020 20.53 11.40 39.72
N VAL A 1021 19.80 11.23 40.79
CA VAL A 1021 18.64 10.35 40.79
C VAL A 1021 17.43 11.13 40.33
N LEU A 1022 16.64 10.54 39.44
CA LEU A 1022 15.41 11.15 38.98
C LEU A 1022 14.26 10.33 39.52
N GLU A 1023 13.09 10.94 39.66
CA GLU A 1023 11.95 10.26 40.23
C GLU A 1023 10.68 10.76 39.56
N SER A 1024 9.62 9.97 39.63
CA SER A 1024 8.35 10.35 39.05
C SER A 1024 7.68 11.43 39.90
N PRO A 1025 6.84 12.24 39.30
CA PRO A 1025 6.20 13.32 40.06
C PRO A 1025 5.11 12.76 40.95
N ARG A 1026 4.79 13.52 41.98
CA ARG A 1026 3.81 13.09 42.98
C ARG A 1026 2.80 14.21 43.11
N PRO A 1027 1.62 14.10 42.48
CA PRO A 1027 0.71 15.24 42.48
C PRO A 1027 0.08 15.51 43.82
N ALA A 1028 -0.11 14.49 44.67
CA ALA A 1028 -0.85 14.69 45.90
C ALA A 1028 -0.31 15.84 46.73
N PHE A 1029 0.94 16.23 46.50
CA PHE A 1029 1.49 17.38 47.18
C PHE A 1029 1.12 18.68 46.50
N SER A 1030 0.36 18.66 45.44
CA SER A 1030 -0.13 19.90 44.85
C SER A 1030 -1.63 20.08 44.97
N ILE A 1031 -2.37 19.07 45.41
CA ILE A 1031 -3.77 19.19 45.76
C ILE A 1031 -3.93 18.71 47.19
N PRO A 1032 -3.72 19.56 48.17
CA PRO A 1032 -3.38 19.07 49.49
C PRO A 1032 -4.46 18.31 50.19
N ASP A 1033 -5.72 18.54 49.87
CA ASP A 1033 -6.79 17.87 50.61
C ASP A 1033 -8.04 17.85 49.73
N ASP A 1034 -9.12 17.27 50.26
CA ASP A 1034 -10.26 16.91 49.43
C ASP A 1034 -10.87 18.10 48.71
N GLU A 1035 -10.84 19.27 49.32
CA GLU A 1035 -11.63 20.37 48.81
C GLU A 1035 -10.90 21.22 47.77
N SER A 1036 -9.70 20.85 47.36
CA SER A 1036 -8.86 21.76 46.62
C SER A 1036 -9.17 21.70 45.12
N GLU A 1037 -8.27 22.22 44.29
CA GLU A 1037 -8.54 22.39 42.88
C GLU A 1037 -7.25 22.16 42.10
N ILE A 1038 -7.38 21.78 40.83
CA ILE A 1038 -6.23 21.63 39.95
C ILE A 1038 -5.55 22.98 39.70
N PRO A 1039 -4.29 23.15 40.03
CA PRO A 1039 -3.65 24.44 39.80
C PRO A 1039 -3.48 24.79 38.34
N GLY A 1040 -2.89 23.91 37.54
CA GLY A 1040 -2.75 24.23 36.14
C GLY A 1040 -1.55 23.62 35.43
N ARG A 1041 -0.95 24.36 34.51
CA ARG A 1041 0.18 23.83 33.79
C ARG A 1041 1.42 23.91 34.66
N LYS A 1042 2.48 23.25 34.24
CA LYS A 1042 3.72 23.20 35.01
C LYS A 1042 4.89 23.70 34.20
N PHE A 1043 5.75 24.50 34.83
CA PHE A 1043 6.88 25.07 34.11
C PHE A 1043 8.11 25.03 34.97
N TYR A 1044 9.23 24.65 34.39
CA TYR A 1044 10.44 24.57 35.16
C TYR A 1044 11.22 25.87 35.05
N LEU A 1045 12.07 26.10 36.02
CA LEU A 1045 12.77 27.37 36.16
C LEU A 1045 14.08 27.35 35.38
N HIS A 1046 14.71 28.53 35.27
CA HIS A 1046 16.03 28.69 34.65
C HIS A 1046 17.05 28.96 35.72
N HIS A 1047 18.07 28.12 35.83
CA HIS A 1047 19.12 28.46 36.77
C HIS A 1047 20.41 27.86 36.30
N ASN A 1048 21.50 28.41 36.78
CA ASN A 1048 22.81 27.85 36.53
C ASN A 1048 23.22 26.96 37.69
N GLY A 1049 22.41 25.93 37.89
CA GLY A 1049 22.68 24.95 38.92
C GLY A 1049 23.15 23.62 38.39
N TRP A 1050 23.69 23.58 37.18
CA TRP A 1050 24.36 22.37 36.75
C TRP A 1050 25.81 22.35 37.15
N ARG A 1051 26.47 23.49 37.18
CA ARG A 1051 27.90 23.51 37.48
C ARG A 1051 28.21 23.03 38.88
N ILE A 1052 27.22 22.51 39.61
CA ILE A 1052 27.54 21.69 40.76
C ILE A 1052 27.98 20.31 40.32
N ILE A 1053 27.13 19.64 39.56
CA ILE A 1053 27.29 18.22 39.30
C ILE A 1053 28.65 17.89 38.69
N ARG A 1054 29.38 18.89 38.23
CA ARG A 1054 30.76 18.64 37.89
C ARG A 1054 31.68 18.68 39.10
N GLN A 1055 31.14 18.78 40.30
CA GLN A 1055 31.94 18.75 41.50
C GLN A 1055 31.60 17.61 42.43
N LYS A 1056 30.60 16.82 42.11
CA LYS A 1056 30.22 15.72 42.99
C LYS A 1056 30.19 14.39 42.28
N GLN A 1057 30.98 14.22 41.23
CA GLN A 1057 31.18 12.89 40.69
C GLN A 1057 31.70 11.96 41.77
N LEU A 1058 32.87 12.28 42.29
CA LEU A 1058 33.49 11.43 43.29
C LEU A 1058 32.76 11.47 44.60
N GLU A 1059 31.53 11.98 44.61
CA GLU A 1059 30.60 11.66 45.68
C GLU A 1059 29.41 10.86 45.16
N ILE A 1060 28.90 11.21 43.98
CA ILE A 1060 27.71 10.53 43.49
C ILE A 1060 28.01 9.09 43.18
N ARG A 1061 29.05 8.83 42.39
CA ARG A 1061 29.31 7.43 42.04
C ARG A 1061 29.71 6.60 43.23
N GLU A 1062 29.64 7.16 44.44
CA GLU A 1062 29.94 6.40 45.64
C GLU A 1062 28.67 5.82 46.24
N THR A 1063 27.68 6.66 46.52
CA THR A 1063 26.62 6.15 47.37
C THR A 1063 25.39 5.71 46.60
N VAL A 1064 25.02 6.37 45.51
CA VAL A 1064 23.79 6.00 44.84
C VAL A 1064 23.95 4.63 44.22
N GLN A 1065 22.99 3.77 44.45
CA GLN A 1065 23.04 2.44 43.89
C GLN A 1065 22.98 2.53 42.36
N PRO A 1066 23.88 1.87 41.64
CA PRO A 1066 24.03 2.16 40.22
C PRO A 1066 22.89 1.66 39.36
N GLU A 1067 21.81 1.15 39.93
CA GLU A 1067 20.71 0.77 39.06
C GLU A 1067 19.86 1.96 38.64
N ARG A 1068 20.17 3.16 39.10
CA ARG A 1068 19.35 4.31 38.82
C ARG A 1068 20.09 5.48 38.20
N ASN A 1069 21.41 5.56 38.38
CA ASN A 1069 22.16 6.62 37.73
C ASN A 1069 22.14 6.43 36.23
N VAL A 1070 22.50 7.47 35.51
CA VAL A 1070 22.52 7.46 34.06
C VAL A 1070 23.67 8.34 33.59
N THR A 1071 24.50 7.83 32.70
CA THR A 1071 25.69 8.55 32.28
C THR A 1071 25.61 8.83 30.79
N THR A 1072 25.85 10.07 30.39
CA THR A 1072 25.70 10.40 28.99
C THR A 1072 26.50 11.64 28.60
N GLU A 1073 26.67 11.81 27.29
CA GLU A 1073 27.38 12.95 26.74
C GLU A 1073 26.52 14.20 26.76
N VAL A 1074 27.16 15.37 26.73
CA VAL A 1074 26.47 16.66 26.78
C VAL A 1074 27.20 17.66 25.91
N MET A 1075 26.53 18.75 25.57
CA MET A 1075 27.09 19.78 24.71
C MET A 1075 27.25 21.09 25.46
N ASP A 1076 28.35 21.79 25.24
CA ASP A 1076 28.66 22.98 26.02
C ASP A 1076 27.77 24.15 25.61
N LYS A 1077 27.96 25.30 26.24
CA LYS A 1077 27.36 26.56 25.84
C LYS A 1077 27.99 27.05 24.55
N GLY A 1078 27.17 27.45 23.59
CA GLY A 1078 27.70 28.04 22.39
C GLY A 1078 27.68 27.17 21.15
N ASN A 1079 26.64 26.39 20.93
CA ASN A 1079 26.46 25.73 19.66
C ASN A 1079 25.38 26.41 18.84
N VAL A 1080 25.30 26.08 17.57
CA VAL A 1080 24.21 26.59 16.76
C VAL A 1080 23.70 25.54 15.79
N PHE A 1081 22.50 25.04 16.02
CA PHE A 1081 21.92 24.16 15.02
C PHE A 1081 21.05 24.97 14.08
N SER A 1082 20.79 24.43 12.90
CA SER A 1082 19.83 25.04 11.98
C SER A 1082 18.50 24.32 12.10
N PHE A 1083 17.47 24.92 11.53
CA PHE A 1083 16.13 24.53 11.89
C PHE A 1083 15.16 25.21 10.94
N ASP A 1084 14.04 24.55 10.64
CA ASP A 1084 13.14 25.16 9.68
C ASP A 1084 11.74 24.58 9.78
N VAL A 1085 10.73 25.42 9.76
CA VAL A 1085 9.36 24.93 9.79
C VAL A 1085 8.73 25.26 8.46
N LYS A 1086 7.68 24.53 8.12
CA LYS A 1086 7.01 24.71 6.84
C LYS A 1086 5.52 24.71 7.10
N PHE A 1087 4.89 25.86 6.96
CA PHE A 1087 3.49 26.01 7.31
C PHE A 1087 2.68 26.30 6.07
N GLU A 1088 1.48 25.74 6.00
CA GLU A 1088 0.62 25.98 4.86
C GLU A 1088 -0.77 26.39 5.31
N ASN A 1089 -1.25 27.49 4.74
CA ASN A 1089 -2.64 27.89 4.79
C ASN A 1089 -3.06 28.47 6.13
N LEU A 1090 -2.13 28.83 6.99
CA LEU A 1090 -2.44 29.57 8.21
C LEU A 1090 -3.23 30.82 7.89
N ARG A 1091 -3.83 31.41 8.91
CA ARG A 1091 -4.58 32.65 8.76
C ARG A 1091 -3.65 33.82 9.02
N GLU A 1092 -4.18 35.02 9.18
CA GLU A 1092 -3.31 36.19 9.32
C GLU A 1092 -2.70 36.28 10.70
N TRP A 1093 -3.51 36.49 11.72
CA TRP A 1093 -2.95 36.66 13.05
C TRP A 1093 -2.34 35.38 13.59
N GLU A 1094 -2.79 34.21 13.15
CA GLU A 1094 -2.17 32.98 13.60
C GLU A 1094 -0.68 33.02 13.37
N LEU A 1095 -0.26 33.58 12.24
CA LEU A 1095 1.16 33.59 11.93
C LEU A 1095 1.91 34.51 12.86
N GLY A 1096 1.30 35.64 13.23
CA GLY A 1096 1.93 36.48 14.22
C GLY A 1096 2.12 35.75 15.53
N LEU A 1097 1.13 35.00 15.96
CA LEU A 1097 1.26 34.34 17.25
C LEU A 1097 2.27 33.22 17.18
N LEU A 1098 2.39 32.55 16.05
CA LEU A 1098 3.44 31.56 15.93
C LEU A 1098 4.81 32.22 16.04
N LEU A 1099 5.06 33.27 15.24
CA LEU A 1099 6.35 33.96 15.33
C LEU A 1099 6.66 34.35 16.76
N GLN A 1100 5.69 34.94 17.44
CA GLN A 1100 5.94 35.37 18.81
C GLN A 1100 6.25 34.20 19.71
N SER A 1101 5.67 33.03 19.43
CA SER A 1101 5.96 31.90 20.28
C SER A 1101 7.29 31.26 19.92
N LEU A 1102 7.91 31.63 18.81
CA LEU A 1102 9.27 31.17 18.58
C LEU A 1102 10.28 31.99 19.34
N ASP A 1103 10.34 33.28 19.05
CA ASP A 1103 11.41 34.16 19.52
C ASP A 1103 10.83 35.26 20.40
N PRO A 1104 10.45 34.94 21.63
CA PRO A 1104 9.66 35.89 22.41
C PRO A 1104 10.41 37.12 22.82
N GLY A 1105 11.56 37.38 22.27
CA GLY A 1105 12.23 38.64 22.49
C GLY A 1105 13.53 38.41 23.20
N LYS A 1106 14.39 39.42 23.17
CA LYS A 1106 15.63 39.34 23.91
C LYS A 1106 15.32 39.00 25.36
N ASN A 1107 16.26 38.35 26.02
CA ASN A 1107 16.18 38.13 27.46
C ASN A 1107 15.13 37.13 27.85
N ILE A 1108 14.73 36.22 26.97
CA ILE A 1108 13.83 35.11 27.31
C ILE A 1108 14.31 33.86 26.57
N ALA A 1109 13.97 32.68 27.08
CA ALA A 1109 14.50 31.48 26.47
C ALA A 1109 13.70 30.27 26.94
N HIS A 1110 13.54 29.30 26.05
CA HIS A 1110 12.68 28.16 26.32
C HIS A 1110 13.36 27.19 27.26
N LYS A 1111 12.86 25.96 27.31
CA LYS A 1111 13.51 24.88 28.03
C LYS A 1111 13.27 23.60 27.26
N LEU A 1112 14.25 22.69 27.27
CA LEU A 1112 14.19 21.55 26.37
C LEU A 1112 15.28 20.54 26.72
N GLY A 1113 14.91 19.27 26.71
CA GLY A 1113 15.90 18.24 26.88
C GLY A 1113 15.83 17.59 28.24
N LYS A 1114 16.48 16.44 28.37
CA LYS A 1114 16.31 15.62 29.55
C LYS A 1114 17.02 16.21 30.76
N GLY A 1115 16.37 16.10 31.91
CA GLY A 1115 16.93 16.68 33.12
C GLY A 1115 16.65 18.14 33.28
N LYS A 1116 15.44 18.60 32.95
CA LYS A 1116 15.19 20.03 32.98
C LYS A 1116 15.35 20.67 34.34
N PRO A 1117 15.08 20.02 35.47
CA PRO A 1117 15.07 20.77 36.72
C PRO A 1117 16.43 20.98 37.31
N TYR A 1118 17.39 20.12 37.02
CA TYR A 1118 18.71 20.35 37.60
C TYR A 1118 19.33 21.60 37.03
N GLY A 1119 19.03 21.91 35.78
CA GLY A 1119 19.59 23.10 35.17
C GLY A 1119 19.91 22.86 33.73
N PHE A 1120 20.17 21.61 33.37
CA PHE A 1120 20.51 21.25 32.01
C PHE A 1120 19.37 21.67 31.11
N GLY A 1121 19.69 22.13 29.92
CA GLY A 1121 18.68 22.12 28.88
C GLY A 1121 18.18 23.42 28.30
N SER A 1122 18.70 24.56 28.70
CA SER A 1122 18.14 25.80 28.19
C SER A 1122 18.55 26.03 26.75
N VAL A 1123 17.62 26.48 25.90
CA VAL A 1123 17.96 26.87 24.54
C VAL A 1123 17.43 28.27 24.30
N LYS A 1124 17.67 28.79 23.11
CA LYS A 1124 17.23 30.12 22.70
C LYS A 1124 17.28 30.22 21.19
N ILE A 1125 16.20 30.70 20.58
CA ILE A 1125 16.03 30.60 19.14
C ILE A 1125 16.08 31.98 18.51
N LYS A 1126 16.48 32.05 17.24
CA LYS A 1126 16.44 33.28 16.47
C LYS A 1126 15.65 33.06 15.20
N ILE A 1127 15.64 34.07 14.33
CA ILE A 1127 15.00 33.98 13.03
C ILE A 1127 16.03 34.36 11.98
N ASP A 1128 15.90 33.81 10.78
CA ASP A 1128 16.77 34.22 9.68
C ASP A 1128 16.05 34.56 8.40
N SER A 1129 14.88 33.99 8.13
CA SER A 1129 14.20 34.29 6.88
C SER A 1129 12.80 33.74 6.94
N LEU A 1130 11.87 34.53 6.43
CA LEU A 1130 10.49 34.13 6.27
C LEU A 1130 10.15 34.16 4.79
N HIS A 1131 9.79 33.03 4.21
CA HIS A 1131 9.53 32.95 2.78
C HIS A 1131 8.08 32.55 2.58
N THR A 1132 7.26 33.47 2.11
CA THR A 1132 5.86 33.22 1.86
C THR A 1132 5.68 33.18 0.36
N PHE A 1133 4.67 32.46 -0.10
CA PHE A 1133 4.37 32.39 -1.53
C PHE A 1133 2.92 32.04 -1.71
N LYS A 1134 2.27 32.65 -2.67
CA LYS A 1134 0.87 32.36 -2.97
C LYS A 1134 0.81 31.60 -4.28
N ILE A 1135 0.88 30.28 -4.17
CA ILE A 1135 0.48 29.41 -5.27
C ILE A 1135 -0.95 29.74 -5.66
N ASN A 1136 -1.26 29.55 -6.92
CA ASN A 1136 -2.52 29.94 -7.51
C ASN A 1136 -2.58 29.23 -8.85
N SER A 1137 -3.50 29.64 -9.71
CA SER A 1137 -3.21 29.40 -11.12
C SER A 1137 -2.28 30.47 -11.68
N ASN A 1138 -1.82 31.38 -10.83
CA ASN A 1138 -0.88 32.44 -11.17
C ASN A 1138 0.54 31.88 -11.32
N ASN A 1139 1.50 32.77 -11.52
CA ASN A 1139 2.89 32.40 -11.70
C ASN A 1139 3.79 32.88 -10.56
N ASP A 1140 3.22 33.38 -9.47
CA ASP A 1140 4.06 33.92 -8.39
C ASP A 1140 4.90 32.81 -7.78
N LYS A 1141 6.11 33.17 -7.36
CA LYS A 1141 7.08 32.18 -6.92
C LYS A 1141 7.55 32.51 -5.51
N ILE A 1142 8.46 31.69 -4.99
CA ILE A 1142 8.97 31.89 -3.64
C ILE A 1142 9.58 33.28 -3.56
N LYS A 1143 8.92 34.17 -2.83
CA LYS A 1143 9.38 35.53 -2.65
C LYS A 1143 9.83 35.70 -1.20
N ARG A 1144 10.51 36.80 -0.95
CA ARG A 1144 10.90 37.08 0.42
C ARG A 1144 9.88 38.03 1.03
N VAL A 1145 9.87 38.10 2.35
CA VAL A 1145 9.10 39.13 3.04
C VAL A 1145 10.08 40.18 3.54
N PRO A 1146 9.91 41.42 3.17
CA PRO A 1146 10.78 42.45 3.71
C PRO A 1146 10.47 42.60 5.18
N GLN A 1147 11.49 42.89 5.97
CA GLN A 1147 11.24 43.25 7.35
C GLN A 1147 10.25 44.39 7.39
N SER A 1148 9.70 44.64 8.56
CA SER A 1148 8.61 45.57 8.74
C SER A 1148 7.37 45.04 8.05
N ASP A 1149 7.31 43.77 7.71
CA ASP A 1149 6.03 43.07 7.67
C ASP A 1149 5.89 42.02 8.73
N ILE A 1150 6.97 41.36 9.16
CA ILE A 1150 6.78 40.50 10.32
C ILE A 1150 6.42 41.34 11.53
N ARG A 1151 6.91 42.57 11.62
CA ARG A 1151 6.34 43.48 12.61
C ARG A 1151 4.85 43.63 12.39
N GLU A 1152 4.42 43.66 11.13
CA GLU A 1152 3.00 43.81 10.87
C GLU A 1152 2.22 42.58 11.31
N TYR A 1153 2.69 41.38 11.00
CA TYR A 1153 1.95 40.20 11.40
C TYR A 1153 1.91 40.08 12.92
N ILE A 1154 3.01 40.37 13.60
CA ILE A 1154 3.01 40.29 15.05
C ILE A 1154 2.01 41.27 15.64
N ASN A 1155 2.02 42.50 15.15
CA ASN A 1155 1.10 43.48 15.71
C ASN A 1155 -0.33 43.07 15.46
N LYS A 1156 -0.63 42.60 14.26
CA LYS A 1156 -1.99 42.14 14.01
C LYS A 1156 -2.28 40.85 14.74
N GLY A 1157 -1.27 40.25 15.36
CA GLY A 1157 -1.55 39.12 16.21
C GLY A 1157 -1.97 39.55 17.60
N TYR A 1158 -1.16 40.39 18.24
CA TYR A 1158 -1.40 40.72 19.65
C TYR A 1158 -2.82 41.23 19.89
N GLN A 1159 -3.43 41.82 18.89
CA GLN A 1159 -4.77 42.32 19.11
C GLN A 1159 -5.78 41.20 19.25
N LYS A 1160 -5.62 40.09 18.55
CA LYS A 1160 -6.55 38.99 18.78
C LYS A 1160 -6.47 38.48 20.20
N LEU A 1161 -5.25 38.41 20.75
CA LEU A 1161 -5.10 38.00 22.13
C LEU A 1161 -5.89 38.92 23.04
N ILE A 1162 -5.77 40.23 22.85
CA ILE A 1162 -6.56 41.11 23.70
C ILE A 1162 -8.04 40.80 23.53
N GLU A 1163 -8.47 40.56 22.30
CA GLU A 1163 -9.91 40.46 22.05
C GLU A 1163 -10.53 39.27 22.77
N TRP A 1164 -9.83 38.14 22.84
CA TRP A 1164 -10.44 36.94 23.46
C TRP A 1164 -10.78 37.16 24.94
N SER A 1165 -9.88 37.76 25.70
CA SER A 1165 -10.18 37.98 27.11
C SER A 1165 -11.33 38.93 27.28
N GLY A 1166 -11.76 39.58 26.20
CA GLY A 1166 -12.88 40.48 26.26
C GLY A 1166 -12.66 41.73 27.05
N ASN A 1167 -11.55 41.85 27.77
CA ASN A 1167 -11.31 43.03 28.57
C ASN A 1167 -10.93 44.18 27.65
N ASN A 1168 -11.95 44.72 26.98
CA ASN A 1168 -11.80 45.96 26.23
C ASN A 1168 -11.15 47.06 27.05
N SER A 1169 -11.25 46.99 28.38
CA SER A 1169 -10.60 47.95 29.25
C SER A 1169 -9.09 47.96 29.08
N ILE A 1170 -8.50 46.88 28.53
CA ILE A 1170 -7.08 46.87 28.26
C ILE A 1170 -6.74 48.03 27.32
N GLN A 1171 -5.58 48.64 27.55
CA GLN A 1171 -5.21 49.86 26.85
C GLN A 1171 -5.33 49.70 25.34
N LYS A 1172 -6.19 50.51 24.73
CA LYS A 1172 -6.40 50.51 23.29
C LYS A 1172 -5.64 51.69 22.68
N GLY A 1173 -4.95 51.43 21.57
CA GLY A 1173 -4.18 52.49 20.92
C GLY A 1173 -3.36 51.97 19.77
N ASN A 1174 -2.19 52.59 19.57
CA ASN A 1174 -1.21 52.19 18.58
C ASN A 1174 0.18 52.37 19.15
N VAL A 1175 0.83 51.26 19.54
CA VAL A 1175 2.12 51.28 20.21
C VAL A 1175 2.78 49.94 19.93
N LEU A 1176 4.11 49.92 19.98
CA LEU A 1176 4.83 48.65 20.03
C LEU A 1176 4.19 47.74 21.07
N PRO A 1177 4.16 46.43 20.86
CA PRO A 1177 3.48 45.55 21.80
C PRO A 1177 4.03 45.70 23.21
N GLN A 1178 3.15 45.56 24.19
CA GLN A 1178 3.51 45.56 25.59
C GLN A 1178 2.95 44.30 26.22
N TRP A 1179 3.62 43.17 26.02
CA TRP A 1179 3.03 41.88 26.33
C TRP A 1179 2.88 41.63 27.80
N HIS A 1180 3.02 42.63 28.64
CA HIS A 1180 2.78 42.46 30.07
C HIS A 1180 1.65 43.34 30.56
N VAL A 1181 0.52 43.26 29.87
CA VAL A 1181 -0.73 43.81 30.35
C VAL A 1181 -1.77 42.73 30.57
N ILE A 1182 -1.82 41.74 29.68
CA ILE A 1182 -2.77 40.64 29.85
C ILE A 1182 -2.30 39.77 30.99
N PRO A 1183 -3.01 39.71 32.10
CA PRO A 1183 -2.40 39.19 33.33
C PRO A 1183 -1.70 37.86 33.18
N HIS A 1184 -2.33 36.85 32.60
CA HIS A 1184 -1.70 35.53 32.67
C HIS A 1184 -0.41 35.48 31.85
N ILE A 1185 -0.30 36.31 30.82
CA ILE A 1185 0.94 36.33 30.06
C ILE A 1185 2.08 36.86 30.91
N ASP A 1186 1.79 37.81 31.79
CA ASP A 1186 2.86 38.32 32.63
C ASP A 1186 3.48 37.19 33.44
N LYS A 1187 2.66 36.34 34.01
CA LYS A 1187 3.22 35.22 34.74
C LYS A 1187 3.95 34.27 33.81
N LEU A 1188 3.37 33.99 32.65
CA LEU A 1188 4.05 33.07 31.74
C LEU A 1188 5.46 33.54 31.46
N TYR A 1189 5.66 34.84 31.32
CA TYR A 1189 7.04 35.24 31.08
C TYR A 1189 7.85 35.21 32.35
N LYS A 1190 7.30 35.68 33.46
CA LYS A 1190 8.08 35.71 34.68
C LYS A 1190 8.67 34.34 34.98
N LEU A 1191 7.95 33.27 34.65
CA LEU A 1191 8.52 31.95 34.91
C LEU A 1191 9.82 31.76 34.19
N LEU A 1192 9.86 32.00 32.88
CA LEU A 1192 11.02 31.61 32.10
C LEU A 1192 11.79 32.87 31.69
N TRP A 1193 12.74 33.25 32.52
CA TRP A 1193 13.41 34.54 32.42
C TRP A 1193 14.86 34.37 32.83
N VAL A 1194 15.73 34.10 31.86
CA VAL A 1194 17.10 33.74 32.16
C VAL A 1194 17.82 34.82 32.95
N PRO A 1195 18.19 34.58 34.19
CA PRO A 1195 18.83 35.63 34.98
C PRO A 1195 20.26 35.90 34.60
N PHE A 1196 21.07 34.86 34.41
CA PHE A 1196 22.50 35.09 34.29
C PHE A 1196 22.88 35.80 33.00
N LEU A 1197 21.98 35.88 32.04
CA LEU A 1197 22.31 36.50 30.77
C LEU A 1197 22.51 37.99 30.92
N ASN A 1198 21.68 38.64 31.73
CA ASN A 1198 21.67 40.10 31.84
C ASN A 1198 22.74 40.61 32.79
N ASP A 1199 22.60 40.30 34.08
CA ASP A 1199 23.65 40.55 35.07
C ASP A 1199 24.55 39.32 35.08
N SER A 1200 25.72 39.43 34.45
CA SER A 1200 26.48 38.23 34.16
C SER A 1200 26.96 37.53 35.42
N LYS A 1201 26.74 38.11 36.59
CA LYS A 1201 27.13 37.48 37.84
C LYS A 1201 25.99 37.41 38.86
N LEU A 1202 24.77 37.18 38.41
CA LEU A 1202 23.62 37.04 39.30
C LEU A 1202 23.14 35.60 39.22
N GLU A 1203 23.65 34.75 40.10
CA GLU A 1203 23.27 33.35 40.09
C GLU A 1203 22.34 33.04 41.25
N PRO A 1204 21.12 32.62 40.99
CA PRO A 1204 20.27 32.17 42.08
C PRO A 1204 20.68 30.79 42.51
N ASP A 1205 20.01 30.29 43.52
CA ASP A 1205 20.21 28.94 44.01
C ASP A 1205 18.88 28.23 43.89
N VAL A 1206 18.90 26.98 43.47
CA VAL A 1206 17.66 26.26 43.26
C VAL A 1206 17.84 24.80 43.66
N ARG A 1207 16.97 24.29 44.51
CA ARG A 1207 17.06 22.89 44.84
C ARG A 1207 15.83 22.46 45.59
N TYR A 1208 15.52 21.18 45.50
CA TYR A 1208 14.43 20.62 46.27
C TYR A 1208 14.78 20.60 47.75
N PRO A 1209 13.80 20.48 48.62
CA PRO A 1209 14.11 20.19 50.01
C PRO A 1209 14.44 18.72 50.20
N VAL A 1210 15.54 18.48 50.88
CA VAL A 1210 15.87 17.13 51.30
C VAL A 1210 14.83 16.65 52.29
N LEU A 1211 14.80 15.34 52.49
CA LEU A 1211 13.58 14.73 53.04
C LEU A 1211 13.36 14.96 54.52
N ASN A 1212 14.21 14.44 55.40
CA ASN A 1212 13.84 14.48 56.81
C ASN A 1212 15.03 14.63 57.73
N GLU A 1213 15.92 15.58 57.46
CA GLU A 1213 16.68 16.12 58.58
C GLU A 1213 17.54 15.09 59.30
N GLU A 1214 18.72 14.77 58.76
CA GLU A 1214 19.51 13.55 58.88
C GLU A 1214 19.24 12.63 57.70
N SER A 1215 18.57 13.16 56.70
CA SER A 1215 18.61 12.55 55.38
C SER A 1215 19.97 12.84 54.78
N LYS A 1216 20.11 12.69 53.47
CA LYS A 1216 21.45 12.67 52.89
C LYS A 1216 22.10 14.05 52.81
N GLY A 1217 21.61 14.91 51.93
CA GLY A 1217 22.37 16.12 51.61
C GLY A 1217 21.90 17.36 52.32
N TYR A 1218 21.61 17.23 53.60
CA TYR A 1218 20.85 18.22 54.35
C TYR A 1218 21.78 19.23 54.97
N ILE A 1219 21.65 20.49 54.55
CA ILE A 1219 22.46 21.58 55.12
C ILE A 1219 22.24 21.62 56.62
N GLU A 1220 23.33 21.51 57.37
CA GLU A 1220 23.22 21.56 58.82
C GLU A 1220 22.60 22.89 59.23
N GLY A 1221 21.75 22.84 60.25
CA GLY A 1221 21.15 24.05 60.77
C GLY A 1221 20.35 24.85 59.79
N SER A 1222 19.86 24.24 58.71
CA SER A 1222 19.17 25.02 57.68
C SER A 1222 17.67 25.08 57.92
N ASP A 1223 17.06 23.96 58.26
CA ASP A 1223 15.60 23.87 58.35
C ASP A 1223 14.96 24.18 57.00
N TYR A 1224 15.18 23.28 56.05
CA TYR A 1224 14.57 23.35 54.73
C TYR A 1224 14.15 21.98 54.29
N THR A 1225 13.42 21.29 55.14
CA THR A 1225 13.09 19.90 54.87
C THR A 1225 11.62 19.61 55.09
N TYR A 1226 11.13 18.56 54.46
CA TYR A 1226 9.84 18.03 54.86
C TYR A 1226 9.94 17.58 56.32
N LYS A 1227 8.80 17.26 56.91
CA LYS A 1227 8.64 17.16 58.36
C LYS A 1227 8.64 18.53 58.99
N LYS A 1228 9.02 19.53 58.23
CA LYS A 1228 8.97 20.91 58.68
C LYS A 1228 8.45 21.80 57.58
N LEU A 1229 7.89 21.24 56.53
CA LEU A 1229 7.37 22.03 55.45
C LEU A 1229 6.09 21.47 54.89
N GLY A 1230 5.69 20.28 55.30
CA GLY A 1230 4.43 19.70 54.89
C GLY A 1230 3.57 19.39 56.10
N ASP A 1231 4.06 19.78 57.27
CA ASP A 1231 3.25 19.72 58.46
C ASP A 1231 2.03 20.60 58.27
N LYS A 1232 0.87 20.14 58.77
CA LYS A 1232 -0.33 20.96 58.68
C LYS A 1232 -0.16 22.27 59.43
N ASP A 1233 0.42 22.22 60.61
CA ASP A 1233 0.85 23.46 61.22
C ASP A 1233 2.12 23.94 60.53
N ASN A 1234 2.46 25.20 60.77
CA ASN A 1234 3.72 25.74 60.28
C ASN A 1234 3.69 25.95 58.77
N LEU A 1235 2.65 25.44 58.09
CA LEU A 1235 2.42 25.77 56.70
C LEU A 1235 1.06 25.25 56.26
N PRO A 1236 -0.03 25.88 56.64
CA PRO A 1236 -1.35 25.34 56.30
C PRO A 1236 -1.60 25.37 54.81
N TYR A 1237 -2.55 24.54 54.37
CA TYR A 1237 -2.59 24.15 52.97
C TYR A 1237 -2.87 25.31 52.05
N LYS A 1238 -3.78 26.20 52.45
CA LYS A 1238 -4.08 27.34 51.59
C LYS A 1238 -2.82 28.13 51.28
N THR A 1239 -1.97 28.34 52.29
CA THR A 1239 -0.74 29.06 52.01
C THR A 1239 0.19 28.25 51.12
N ARG A 1240 0.20 26.92 51.24
CA ARG A 1240 1.06 26.13 50.36
C ARG A 1240 0.66 26.33 48.92
N VAL A 1241 -0.62 26.12 48.60
CA VAL A 1241 -1.04 26.25 47.22
C VAL A 1241 -0.82 27.67 46.72
N LYS A 1242 -1.02 28.66 47.58
CA LYS A 1242 -0.72 30.02 47.15
C LYS A 1242 0.77 30.18 46.92
N GLY A 1243 1.58 29.35 47.56
CA GLY A 1243 3.02 29.46 47.38
C GLY A 1243 3.55 28.69 46.21
N LEU A 1244 2.76 27.80 45.63
CA LEU A 1244 3.20 27.11 44.42
C LEU A 1244 2.77 27.79 43.14
N THR A 1245 1.74 28.61 43.17
CA THR A 1245 1.30 29.25 41.94
C THR A 1245 1.69 30.71 41.85
N THR A 1246 2.73 31.13 42.56
CA THR A 1246 3.28 32.46 42.34
C THR A 1246 4.73 32.37 41.94
N PRO A 1247 5.07 32.62 40.69
CA PRO A 1247 6.39 32.26 40.18
C PRO A 1247 7.51 33.09 40.79
N TRP A 1248 8.68 32.47 40.92
CA TRP A 1248 9.89 33.10 41.44
C TRP A 1248 9.66 33.74 42.79
N SER A 1249 9.20 32.92 43.74
CA SER A 1249 8.96 33.39 45.07
C SER A 1249 9.82 32.60 46.04
N PRO A 1250 10.44 33.25 47.01
CA PRO A 1250 11.32 32.54 47.92
C PRO A 1250 10.60 31.39 48.57
N TRP A 1251 11.38 30.46 49.07
CA TRP A 1251 10.83 29.30 49.75
C TRP A 1251 11.58 28.92 51.00
N ASN A 1252 12.82 29.39 51.19
CA ASN A 1252 13.56 28.95 52.37
C ASN A 1252 13.03 29.66 53.62
N PRO A 1253 13.13 30.99 53.75
CA PRO A 1253 12.38 31.64 54.84
C PRO A 1253 10.90 31.76 54.54
N PHE A 1254 10.49 31.44 53.31
CA PHE A 1254 9.09 31.31 52.92
C PHE A 1254 8.29 32.60 53.12
N GLN A 1255 8.69 33.62 52.36
CA GLN A 1255 7.85 34.79 52.20
C GLN A 1255 6.70 34.46 51.27
N VAL A 1256 5.82 35.44 51.10
CA VAL A 1256 4.67 35.34 50.19
C VAL A 1256 3.92 34.03 50.35
#